data_4UM1
#
_entry.id   4UM1
#
_cell.length_a   77.328
_cell.length_b   123.104
_cell.length_c   127.450
_cell.angle_alpha   90.00
_cell.angle_beta   90.00
_cell.angle_gamma   90.00
#
_symmetry.space_group_name_H-M   'P 21 21 2'
#
loop_
_entity.id
_entity.type
_entity.pdbx_description
1 polymer 'ACETYLCHOLINE-BINDING PROTEIN'
2 non-polymer 1-(5-ethoxypyridin-3-yl)-1,4-diazepane
3 non-polymer 2-acetamido-2-deoxy-beta-D-glucopyranose
4 water water
#
_entity_poly.entity_id   1
_entity_poly.type   'polypeptide(L)'
_entity_poly.pdbx_seq_one_letter_code
;MRRNIFCLACLWIVQACLSLDRADILYNIRQTSRPDVIPTQRDRPVAVSVSLKFINILEVNEITNEVDVVFWQQTTWSDR
TLAWNSSHSPDQVSVPISSLWVPDLAAYNAISKPEVLTPQLAHVVSDGEVQYTPSIRQRFSCDVSGVDTESGATCRIKIG
SWTHHSREISVDPTTENSDDSEYFSQYSRFEILDVTQKKNSVTYSCCPEAYEDVEVSLNFRKKGRSEIL
;
_entity_poly.pdbx_strand_id   A,B,C,D,E
#
loop_
_chem_comp.id
_chem_comp.type
_chem_comp.name
_chem_comp.formula
09P non-polymer 1-(5-ethoxypyridin-3-yl)-1,4-diazepane 'C12 H19 N3 O'
NAG D-saccharide, beta linking 2-acetamido-2-deoxy-beta-D-glucopyranose 'C8 H15 N O6'
#
# COMPACT_ATOMS: atom_id res chain seq x y z
N LEU A 20 -16.37 32.50 16.10
CA LEU A 20 -15.71 31.36 15.48
C LEU A 20 -16.68 30.22 15.20
N ASP A 21 -16.64 29.70 13.97
CA ASP A 21 -17.36 28.48 13.66
C ASP A 21 -16.35 27.35 13.40
N ARG A 22 -16.83 26.13 13.18
CA ARG A 22 -15.94 25.02 12.92
C ARG A 22 -15.00 25.29 11.75
N ALA A 23 -15.53 25.90 10.70
CA ALA A 23 -14.74 26.15 9.50
C ALA A 23 -13.51 26.99 9.82
N ASP A 24 -13.72 28.05 10.62
CA ASP A 24 -12.67 28.96 11.04
C ASP A 24 -11.59 28.28 11.91
N ILE A 25 -12.03 27.47 12.89
CA ILE A 25 -11.13 26.72 13.77
C ILE A 25 -10.23 25.74 13.02
N LEU A 26 -10.84 24.93 12.17
CA LEU A 26 -10.10 23.94 11.40
C LEU A 26 -9.14 24.63 10.44
N TYR A 27 -9.54 25.80 9.95
CA TYR A 27 -8.67 26.59 9.09
C TYR A 27 -7.43 27.03 9.87
N ASN A 28 -7.64 27.69 11.01
CA ASN A 28 -6.51 28.10 11.84
C ASN A 28 -5.59 26.94 12.21
N ILE A 29 -6.17 25.79 12.54
CA ILE A 29 -5.40 24.62 12.89
C ILE A 29 -4.54 24.14 11.73
N ARG A 30 -5.12 24.08 10.54
CA ARG A 30 -4.36 23.66 9.39
C ARG A 30 -3.17 24.58 9.07
N GLN A 31 -3.30 25.88 9.35
CA GLN A 31 -2.26 26.86 9.05
C GLN A 31 -1.14 27.01 10.09
N THR A 32 -1.38 26.60 11.34
CA THR A 32 -0.47 26.99 12.40
C THR A 32 -0.03 25.85 13.31
N SER A 33 -0.46 24.67 12.95
CA SER A 33 -0.36 23.49 13.79
C SER A 33 1.02 22.98 14.10
N ARG A 34 1.93 23.00 13.13
CA ARG A 34 3.25 22.44 13.40
C ARG A 34 3.30 21.00 13.84
N PRO A 35 2.97 20.07 12.89
CA PRO A 35 3.00 18.65 13.29
C PRO A 35 4.34 18.01 13.60
N ASP A 36 5.42 18.66 13.23
CA ASP A 36 6.76 18.20 13.50
C ASP A 36 7.31 18.61 14.85
N VAL A 37 6.58 19.45 15.54
CA VAL A 37 7.07 20.07 16.77
C VAL A 37 6.36 19.58 18.04
N ILE A 38 7.10 18.88 18.88
CA ILE A 38 6.57 18.40 20.16
C ILE A 38 6.15 19.57 21.09
N PRO A 39 4.89 19.53 21.58
CA PRO A 39 4.33 20.66 22.36
C PRO A 39 4.77 20.67 23.83
N THR A 40 6.07 20.76 24.05
CA THR A 40 6.60 20.86 25.41
C THR A 40 6.25 22.20 26.02
N GLN A 41 6.14 22.23 27.34
CA GLN A 41 5.84 23.46 28.06
C GLN A 41 6.90 23.74 29.12
N ARG A 42 7.86 24.56 28.75
CA ARG A 42 8.87 25.01 29.66
C ARG A 42 9.67 23.83 30.09
N ASP A 43 9.89 22.91 29.15
CA ASP A 43 10.90 21.89 29.30
C ASP A 43 10.51 20.78 30.25
N ARG A 44 9.23 20.73 30.56
CA ARG A 44 8.57 19.61 31.14
C ARG A 44 8.22 18.67 30.02
N PRO A 45 8.04 17.39 30.34
CA PRO A 45 7.62 16.40 29.35
C PRO A 45 6.17 16.65 28.94
N VAL A 46 5.79 16.19 27.76
CA VAL A 46 4.38 16.09 27.42
C VAL A 46 3.84 14.87 28.13
N ALA A 47 2.78 15.02 28.91
CA ALA A 47 2.22 13.86 29.59
C ALA A 47 1.23 13.14 28.68
N VAL A 48 1.62 11.97 28.17
CA VAL A 48 0.74 11.14 27.35
C VAL A 48 0.13 10.00 28.18
N SER A 49 -1.19 9.87 28.14
CA SER A 49 -1.86 8.74 28.77
C SER A 49 -2.20 7.70 27.73
N VAL A 50 -1.97 6.44 28.07
CA VAL A 50 -2.25 5.33 27.18
C VAL A 50 -3.15 4.30 27.82
N SER A 51 -4.17 3.86 27.11
CA SER A 51 -5.09 2.85 27.62
C SER A 51 -5.50 1.88 26.52
N LEU A 52 -5.32 0.58 26.72
CA LEU A 52 -5.79 -0.41 25.72
C LEU A 52 -7.16 -0.99 26.09
N LYS A 53 -8.11 -0.95 25.17
CA LYS A 53 -9.39 -1.64 25.35
C LYS A 53 -9.38 -2.83 24.42
N PHE A 54 -9.40 -4.04 24.99
CA PHE A 54 -9.35 -5.22 24.14
C PHE A 54 -10.68 -5.53 23.48
N ILE A 55 -10.64 -5.81 22.19
CA ILE A 55 -11.85 -6.08 21.44
C ILE A 55 -11.94 -7.56 21.04
N ASN A 56 -10.81 -8.15 20.68
CA ASN A 56 -10.80 -9.52 20.21
C ASN A 56 -9.45 -10.19 20.36
N ILE A 57 -9.46 -11.52 20.45
CA ILE A 57 -8.21 -12.30 20.38
C ILE A 57 -8.40 -13.35 19.29
N LEU A 58 -7.48 -13.41 18.33
CA LEU A 58 -7.82 -14.01 17.04
C LEU A 58 -7.06 -15.26 16.70
N GLU A 59 -5.74 -15.21 16.79
CA GLU A 59 -4.98 -16.37 16.38
C GLU A 59 -3.88 -16.65 17.34
N VAL A 60 -4.10 -17.66 18.17
CA VAL A 60 -3.13 -17.97 19.18
C VAL A 60 -2.33 -19.18 18.73
N ASN A 61 -1.03 -19.13 18.95
CA ASN A 61 -0.16 -20.27 18.69
C ASN A 61 0.75 -20.52 19.89
N GLU A 62 0.44 -21.58 20.63
CA GLU A 62 1.17 -21.91 21.86
C GLU A 62 2.56 -22.41 21.50
N ILE A 63 2.68 -23.01 20.33
CA ILE A 63 3.97 -23.55 19.88
C ILE A 63 4.99 -22.44 19.64
N THR A 64 4.56 -21.39 18.93
CA THR A 64 5.50 -20.33 18.50
C THR A 64 5.42 -19.12 19.40
N ASN A 65 4.50 -19.13 20.36
CA ASN A 65 4.32 -18.00 21.28
C ASN A 65 3.95 -16.67 20.59
N GLU A 66 2.89 -16.71 19.80
CA GLU A 66 2.42 -15.54 19.06
C GLU A 66 0.90 -15.36 19.19
N VAL A 67 0.45 -14.12 19.35
CA VAL A 67 -0.99 -13.85 19.42
C VAL A 67 -1.38 -12.73 18.46
N ASP A 68 -2.65 -12.71 18.10
CA ASP A 68 -3.19 -11.70 17.23
C ASP A 68 -4.26 -10.95 17.98
N VAL A 69 -4.00 -9.69 18.29
CA VAL A 69 -4.96 -8.93 19.08
C VAL A 69 -5.59 -7.77 18.33
N VAL A 70 -6.87 -7.53 18.59
CA VAL A 70 -7.54 -6.31 18.16
C VAL A 70 -7.92 -5.50 19.39
N PHE A 71 -7.47 -4.25 19.42
CA PHE A 71 -7.68 -3.38 20.58
C PHE A 71 -7.80 -1.91 20.17
N TRP A 72 -8.47 -1.11 21.01
CA TRP A 72 -8.47 0.34 20.86
C TRP A 72 -7.29 0.86 21.64
N GLN A 73 -6.51 1.74 21.02
CA GLN A 73 -5.36 2.33 21.68
C GLN A 73 -5.64 3.77 22.06
N GLN A 74 -6.33 3.96 23.18
CA GLN A 74 -6.77 5.30 23.57
C GLN A 74 -5.59 6.14 24.06
N THR A 75 -5.29 7.23 23.34
CA THR A 75 -4.11 8.03 23.61
C THR A 75 -4.52 9.47 23.85
N THR A 76 -4.03 10.07 24.94
CA THR A 76 -4.47 11.42 25.35
C THR A 76 -3.33 12.33 25.80
N TRP A 77 -3.32 13.56 25.32
CA TRP A 77 -2.28 14.52 25.69
C TRP A 77 -2.75 15.94 25.52
N SER A 78 -1.89 16.87 25.90
CA SER A 78 -2.25 18.28 25.81
C SER A 78 -1.37 19.07 24.84
N ASP A 79 -2.00 19.87 23.98
CA ASP A 79 -1.29 20.75 23.05
C ASP A 79 -1.92 22.16 22.99
N ARG A 80 -1.38 23.09 23.77
CA ARG A 80 -1.96 24.44 23.93
C ARG A 80 -1.95 25.25 22.63
N THR A 81 -1.07 24.88 21.71
CA THR A 81 -1.02 25.46 20.37
C THR A 81 -2.38 25.37 19.64
N LEU A 82 -3.19 24.37 19.98
CA LEU A 82 -4.45 24.16 19.30
C LEU A 82 -5.62 24.89 19.95
N ALA A 83 -5.39 25.52 21.09
CA ALA A 83 -6.51 26.05 21.88
C ALA A 83 -7.18 27.25 21.22
N TRP A 84 -8.46 27.47 21.54
CA TRP A 84 -9.22 28.64 21.08
C TRP A 84 -10.23 29.11 22.14
N ASN A 85 -10.74 30.30 21.98
CA ASN A 85 -11.73 30.80 22.89
C ASN A 85 -13.06 30.44 22.35
N SER A 86 -13.88 29.79 23.17
CA SER A 86 -15.11 29.18 22.73
C SER A 86 -16.33 29.80 23.38
N SER A 87 -16.33 31.10 23.55
CA SER A 87 -17.43 31.77 24.21
C SER A 87 -18.71 31.57 23.47
N HIS A 88 -18.71 31.75 22.16
CA HIS A 88 -19.90 31.46 21.40
C HIS A 88 -19.43 30.62 20.29
N SER A 89 -18.97 29.44 20.65
CA SER A 89 -18.22 28.66 19.75
C SER A 89 -18.30 27.23 20.08
N PRO A 90 -17.99 26.41 19.02
CA PRO A 90 -17.92 24.99 19.35
C PRO A 90 -16.79 24.75 20.28
N ASP A 91 -16.94 23.78 21.16
CA ASP A 91 -15.89 23.46 22.13
C ASP A 91 -15.07 22.22 21.72
N GLN A 92 -15.37 21.67 20.55
CA GLN A 92 -14.65 20.52 20.04
C GLN A 92 -14.73 20.40 18.50
N VAL A 93 -13.73 19.75 17.90
CA VAL A 93 -13.71 19.48 16.46
C VAL A 93 -12.94 18.19 16.23
N SER A 94 -13.11 17.61 15.05
CA SER A 94 -12.36 16.41 14.67
C SER A 94 -11.33 16.81 13.64
N VAL A 95 -10.09 16.39 13.86
CA VAL A 95 -8.98 16.83 13.03
C VAL A 95 -8.21 15.63 12.47
N PRO A 96 -7.92 15.66 11.15
CA PRO A 96 -7.08 14.57 10.59
C PRO A 96 -5.72 14.59 11.25
N ILE A 97 -5.23 13.44 11.70
CA ILE A 97 -3.98 13.40 12.48
C ILE A 97 -2.79 13.91 11.69
N SER A 98 -2.90 13.90 10.37
CA SER A 98 -1.82 14.46 9.56
C SER A 98 -1.59 15.98 9.85
N SER A 99 -2.56 16.64 10.46
CA SER A 99 -2.43 18.06 10.79
C SER A 99 -2.06 18.35 12.25
N LEU A 100 -1.62 17.34 12.99
CA LEU A 100 -1.36 17.49 14.43
C LEU A 100 -0.05 16.83 14.79
N TRP A 101 0.61 17.33 15.83
CA TRP A 101 1.66 16.52 16.42
C TRP A 101 1.03 15.32 17.12
N VAL A 102 1.68 14.16 17.01
CA VAL A 102 1.19 12.91 17.58
C VAL A 102 2.39 12.20 18.20
N PRO A 103 2.20 11.61 19.40
CA PRO A 103 3.32 10.91 20.04
C PRO A 103 3.76 9.68 19.24
N ASP A 104 5.07 9.43 19.17
CA ASP A 104 5.65 8.30 18.41
C ASP A 104 5.70 6.99 19.19
N LEU A 105 4.54 6.54 19.65
CA LEU A 105 4.44 5.30 20.41
C LEU A 105 4.64 4.06 19.50
N ALA A 106 5.27 3.02 20.05
CA ALA A 106 5.46 1.75 19.34
C ALA A 106 5.38 0.63 20.35
N ALA A 107 4.93 -0.54 19.89
CA ALA A 107 4.88 -1.74 20.71
C ALA A 107 6.19 -2.52 20.54
N TYR A 108 6.96 -2.60 21.62
CA TYR A 108 8.31 -3.19 21.57
C TYR A 108 8.34 -4.67 21.17
N ASN A 109 7.30 -5.40 21.51
CA ASN A 109 7.25 -6.83 21.19
C ASN A 109 6.25 -7.17 20.08
N ALA A 110 5.94 -6.17 19.25
CA ALA A 110 5.11 -6.38 18.08
C ALA A 110 5.97 -7.07 16.99
N ILE A 111 5.36 -7.97 16.23
CA ILE A 111 6.10 -8.61 15.15
C ILE A 111 5.47 -8.35 13.78
N SER A 112 4.56 -7.39 13.74
CA SER A 112 3.94 -6.92 12.51
C SER A 112 3.63 -5.44 12.71
N LYS A 113 3.48 -4.68 11.63
CA LYS A 113 3.15 -3.27 11.83
C LYS A 113 1.68 -3.09 12.18
N PRO A 114 1.35 -2.01 12.89
CA PRO A 114 -0.06 -1.85 13.29
C PRO A 114 -0.93 -1.72 12.06
N GLU A 115 -2.05 -2.45 12.01
CA GLU A 115 -3.04 -2.29 10.94
C GLU A 115 -4.18 -1.45 11.50
N VAL A 116 -4.29 -0.20 11.04
CA VAL A 116 -5.30 0.73 11.56
C VAL A 116 -6.66 0.54 10.91
N LEU A 117 -7.65 0.14 11.71
CA LEU A 117 -8.94 -0.25 11.17
C LEU A 117 -9.92 0.91 10.99
N THR A 118 -9.67 2.01 11.69
CA THR A 118 -10.63 3.09 11.74
C THR A 118 -10.13 4.33 11.04
N PRO A 119 -11.04 5.30 10.76
CA PRO A 119 -10.66 6.62 10.23
C PRO A 119 -9.61 7.30 11.11
N GLN A 120 -8.62 7.94 10.50
CA GLN A 120 -7.53 8.51 11.28
C GLN A 120 -7.77 9.96 11.72
N LEU A 121 -8.77 10.14 12.59
CA LEU A 121 -9.12 11.46 13.12
C LEU A 121 -8.87 11.54 14.61
N ALA A 122 -8.44 12.69 15.08
CA ALA A 122 -8.32 12.96 16.50
C ALA A 122 -9.40 13.94 17.00
N HIS A 123 -9.78 13.79 18.26
CA HIS A 123 -10.75 14.68 18.88
C HIS A 123 -9.99 15.80 19.58
N VAL A 124 -10.36 17.05 19.33
CA VAL A 124 -9.67 18.20 19.93
C VAL A 124 -10.68 19.08 20.65
N VAL A 125 -10.39 19.39 21.90
CA VAL A 125 -11.27 20.22 22.72
C VAL A 125 -10.66 21.62 22.80
N SER A 126 -11.48 22.66 22.95
CA SER A 126 -10.99 24.05 22.91
C SER A 126 -9.85 24.38 23.88
N ASP A 127 -9.70 23.63 24.96
CA ASP A 127 -8.58 23.88 25.87
C ASP A 127 -7.22 23.39 25.35
N GLY A 128 -7.25 22.55 24.33
CA GLY A 128 -6.03 22.00 23.78
C GLY A 128 -5.83 20.53 24.10
N GLU A 129 -6.86 19.89 24.64
CA GLU A 129 -6.82 18.45 24.93
C GLU A 129 -7.09 17.59 23.70
N VAL A 130 -6.19 16.67 23.43
CA VAL A 130 -6.35 15.85 22.25
C VAL A 130 -6.56 14.39 22.66
N GLN A 131 -7.48 13.71 21.98
CA GLN A 131 -7.61 12.27 22.16
C GLN A 131 -7.62 11.54 20.81
N TYR A 132 -6.76 10.55 20.67
CA TYR A 132 -6.71 9.76 19.45
C TYR A 132 -6.85 8.29 19.81
N THR A 133 -7.93 7.66 19.33
CA THR A 133 -8.25 6.31 19.72
C THR A 133 -8.51 5.45 18.49
N PRO A 134 -7.43 5.00 17.83
CA PRO A 134 -7.66 4.12 16.67
C PRO A 134 -7.92 2.68 17.10
N SER A 135 -8.66 1.93 16.28
CA SER A 135 -8.77 0.48 16.49
C SER A 135 -7.65 -0.19 15.70
N ILE A 136 -6.88 -1.04 16.37
CA ILE A 136 -5.69 -1.66 15.79
C ILE A 136 -5.67 -3.20 15.86
N ARG A 137 -5.40 -3.84 14.73
CA ARG A 137 -5.09 -5.27 14.75
C ARG A 137 -3.57 -5.44 14.63
N GLN A 138 -2.97 -6.12 15.59
CA GLN A 138 -1.52 -6.34 15.58
C GLN A 138 -1.11 -7.73 16.09
N ARG A 139 -0.01 -8.28 15.57
CA ARG A 139 0.53 -9.56 16.03
C ARG A 139 1.69 -9.33 17.05
N PHE A 140 1.67 -10.07 18.16
CA PHE A 140 2.71 -9.94 19.19
C PHE A 140 3.45 -11.24 19.53
N SER A 141 4.61 -11.08 20.15
CA SER A 141 5.39 -12.20 20.65
C SER A 141 5.32 -12.13 22.17
N CYS A 142 4.70 -13.13 22.78
CA CYS A 142 4.56 -13.16 24.23
C CYS A 142 4.32 -14.57 24.79
N ASP A 143 4.18 -14.68 26.11
CA ASP A 143 4.01 -15.97 26.77
C ASP A 143 2.59 -16.49 26.67
N VAL A 144 2.43 -17.57 25.93
CA VAL A 144 1.11 -18.10 25.58
C VAL A 144 0.80 -19.39 26.36
N SER A 145 1.83 -19.96 26.99
CA SER A 145 1.70 -21.19 27.75
C SER A 145 0.56 -21.14 28.78
N GLY A 146 -0.28 -22.17 28.78
CA GLY A 146 -1.35 -22.29 29.76
C GLY A 146 -2.62 -21.66 29.26
N VAL A 147 -2.67 -21.42 27.96
CA VAL A 147 -3.84 -20.77 27.35
C VAL A 147 -5.04 -21.70 27.43
N ASP A 148 -4.77 -23.00 27.46
CA ASP A 148 -5.82 -24.01 27.51
C ASP A 148 -6.01 -24.59 28.92
N THR A 149 -5.87 -23.72 29.93
CA THR A 149 -5.82 -24.08 31.34
C THR A 149 -6.80 -23.18 32.09
N GLU A 150 -7.26 -23.61 33.26
CA GLU A 150 -8.21 -22.81 34.00
C GLU A 150 -7.62 -21.46 34.47
N SER A 151 -6.30 -21.41 34.65
CA SER A 151 -5.64 -20.18 35.13
C SER A 151 -5.16 -19.24 33.99
N GLY A 152 -5.13 -19.77 32.77
CA GLY A 152 -4.89 -18.96 31.59
C GLY A 152 -3.45 -18.57 31.33
N ALA A 153 -3.21 -17.95 30.17
CA ALA A 153 -1.91 -17.37 29.85
C ALA A 153 -1.86 -15.89 30.24
N THR A 154 -0.67 -15.39 30.51
CA THR A 154 -0.49 -13.95 30.70
C THR A 154 0.50 -13.37 29.70
N CYS A 155 -0.06 -12.65 28.73
CA CYS A 155 0.71 -11.96 27.70
C CYS A 155 0.92 -10.47 28.06
N ARG A 156 2.17 -10.00 28.02
CA ARG A 156 2.49 -8.59 28.30
C ARG A 156 2.79 -7.81 27.01
N ILE A 157 2.24 -6.61 26.90
CA ILE A 157 2.52 -5.73 25.77
C ILE A 157 3.18 -4.45 26.26
N LYS A 158 4.35 -4.15 25.70
CA LYS A 158 5.14 -3.02 26.17
C LYS A 158 5.05 -1.87 25.15
N ILE A 159 4.50 -0.74 25.57
CA ILE A 159 4.33 0.41 24.67
C ILE A 159 4.98 1.67 25.20
N GLY A 160 5.78 2.32 24.38
CA GLY A 160 6.43 3.57 24.78
C GLY A 160 6.87 4.46 23.61
N SER A 161 7.36 5.65 23.92
CA SER A 161 7.94 6.50 22.88
C SER A 161 9.22 5.92 22.28
N TRP A 162 9.35 6.00 20.97
CA TRP A 162 10.48 5.36 20.28
C TRP A 162 11.72 6.22 20.27
N THR A 163 11.55 7.55 20.18
CA THR A 163 12.69 8.47 20.07
C THR A 163 12.79 9.55 21.14
N HIS A 164 11.77 9.69 21.98
CA HIS A 164 11.79 10.74 23.00
C HIS A 164 12.01 10.18 24.40
N HIS A 165 13.02 10.68 25.10
CA HIS A 165 13.30 10.21 26.47
C HIS A 165 12.34 10.80 27.53
N SER A 166 12.57 10.47 28.79
CA SER A 166 11.61 10.73 29.87
C SER A 166 11.37 12.21 30.20
N ARG A 167 12.28 13.08 29.76
CA ARG A 167 12.12 14.51 30.02
C ARG A 167 11.38 15.20 28.88
N GLU A 168 11.13 14.47 27.82
CA GLU A 168 10.39 14.98 26.66
C GLU A 168 8.97 14.41 26.57
N ILE A 169 8.85 13.10 26.71
CA ILE A 169 7.56 12.42 26.79
C ILE A 169 7.52 11.49 28.00
N SER A 170 6.49 11.63 28.83
CA SER A 170 6.22 10.63 29.85
C SER A 170 4.92 9.89 29.51
N VAL A 171 4.95 8.56 29.59
CA VAL A 171 3.74 7.77 29.41
C VAL A 171 3.22 7.24 30.74
N ASP A 172 1.92 7.27 30.92
CA ASP A 172 1.30 6.84 32.18
C ASP A 172 0.02 6.06 31.86
N PRO A 173 -0.30 5.04 32.68
CA PRO A 173 -1.57 4.33 32.54
C PRO A 173 -2.71 5.22 33.01
N THR A 174 -3.92 4.93 32.56
CA THR A 174 -5.09 5.76 32.90
C THR A 174 -5.71 5.40 34.25
N THR A 175 -6.18 6.39 35.00
CA THR A 175 -6.88 6.13 36.26
C THR A 175 -8.19 5.33 36.06
N ASP A 180 -13.14 -4.38 31.61
CA ASP A 180 -12.02 -5.07 30.98
C ASP A 180 -12.44 -5.67 29.68
N SER A 181 -13.49 -6.43 29.74
CA SER A 181 -14.09 -7.07 28.61
C SER A 181 -15.33 -6.30 28.24
N GLU A 182 -15.32 -5.03 28.59
CA GLU A 182 -16.44 -4.14 28.43
C GLU A 182 -16.77 -4.10 26.97
N TYR A 183 -15.76 -4.09 26.12
CA TYR A 183 -15.99 -4.19 24.72
C TYR A 183 -15.46 -5.43 24.08
N PHE A 184 -15.07 -6.40 24.86
CA PHE A 184 -14.54 -7.61 24.31
C PHE A 184 -15.65 -8.37 23.65
N SER A 185 -15.33 -9.03 22.55
CA SER A 185 -16.29 -9.75 21.74
C SER A 185 -16.75 -11.03 22.44
N GLN A 186 -18.07 -11.20 22.55
CA GLN A 186 -18.65 -12.43 23.06
C GLN A 186 -18.43 -13.60 22.10
N TYR A 187 -18.12 -13.32 20.84
CA TYR A 187 -17.93 -14.38 19.85
C TYR A 187 -16.50 -14.87 19.69
N SER A 188 -15.55 -14.24 20.38
CA SER A 188 -14.17 -14.75 20.40
C SER A 188 -14.11 -16.20 20.95
N ARG A 189 -13.09 -16.95 20.55
CA ARG A 189 -12.86 -18.28 21.14
C ARG A 189 -12.24 -18.16 22.52
N PHE A 190 -11.97 -16.94 22.95
CA PHE A 190 -11.24 -16.73 24.19
C PHE A 190 -11.99 -15.78 25.08
N GLU A 191 -11.59 -15.75 26.36
CA GLU A 191 -12.18 -14.82 27.32
C GLU A 191 -11.11 -14.16 28.21
N ILE A 192 -11.39 -12.95 28.66
CA ILE A 192 -10.42 -12.21 29.46
C ILE A 192 -10.68 -12.47 30.94
N LEU A 193 -9.63 -12.82 31.67
CA LEU A 193 -9.70 -13.06 33.11
C LEU A 193 -9.34 -11.81 33.89
N ASP A 194 -8.30 -11.10 33.42
CA ASP A 194 -7.88 -9.85 34.04
C ASP A 194 -6.92 -9.00 33.18
N VAL A 195 -6.97 -7.69 33.39
CA VAL A 195 -6.03 -6.79 32.73
C VAL A 195 -5.37 -5.86 33.74
N THR A 196 -4.04 -5.90 33.83
CA THR A 196 -3.30 -5.00 34.72
C THR A 196 -2.31 -4.12 33.94
N GLN A 197 -2.00 -2.96 34.51
CA GLN A 197 -1.13 -1.98 33.86
C GLN A 197 -0.02 -1.60 34.82
N LYS A 198 1.22 -1.47 34.35
CA LYS A 198 2.22 -0.83 35.19
C LYS A 198 3.21 -0.02 34.34
N LYS A 199 3.84 0.97 34.95
CA LYS A 199 4.77 1.85 34.23
C LYS A 199 6.25 1.50 34.46
N ASN A 200 7.04 1.44 33.38
CA ASN A 200 8.48 1.20 33.49
C ASN A 200 9.34 2.37 33.03
N SER A 201 10.53 2.48 33.61
CA SER A 201 11.50 3.48 33.20
C SER A 201 12.82 2.76 32.96
N VAL A 202 13.25 2.70 31.70
CA VAL A 202 14.34 1.84 31.26
C VAL A 202 15.48 2.68 30.69
N THR A 203 16.72 2.30 31.03
CA THR A 203 17.89 2.88 30.36
C THR A 203 18.52 1.92 29.35
N TYR A 204 18.57 2.32 28.07
CA TYR A 204 19.16 1.47 27.04
C TYR A 204 20.67 1.72 26.85
N SER A 205 21.33 0.76 26.22
CA SER A 205 22.78 0.78 26.04
C SER A 205 23.27 1.94 25.16
N CYS A 206 22.36 2.54 24.40
CA CYS A 206 22.75 3.59 23.47
C CYS A 206 22.94 4.96 24.16
N CYS A 207 22.05 5.32 25.08
CA CYS A 207 21.96 6.68 25.63
C CYS A 207 21.89 6.70 27.17
N PRO A 208 22.34 7.81 27.80
CA PRO A 208 22.31 7.96 29.26
C PRO A 208 20.94 8.40 29.81
N GLU A 209 19.99 8.65 28.93
CA GLU A 209 18.65 9.09 29.30
C GLU A 209 17.71 7.90 29.51
N ALA A 210 16.65 8.10 30.28
CA ALA A 210 15.69 7.04 30.55
C ALA A 210 14.52 7.14 29.60
N TYR A 211 13.98 5.99 29.19
CA TYR A 211 12.79 5.97 28.32
C TYR A 211 11.63 5.32 29.02
N GLU A 212 10.53 6.05 29.19
CA GLU A 212 9.34 5.47 29.82
C GLU A 212 8.50 4.60 28.87
N ASP A 213 7.93 3.53 29.42
CA ASP A 213 6.92 2.74 28.72
C ASP A 213 5.81 2.24 29.66
N VAL A 214 4.71 1.80 29.06
CA VAL A 214 3.64 1.15 29.80
C VAL A 214 3.54 -0.33 29.43
N GLU A 215 3.49 -1.19 30.44
CA GLU A 215 3.40 -2.63 30.24
C GLU A 215 1.97 -3.04 30.58
N VAL A 216 1.29 -3.66 29.62
CA VAL A 216 -0.09 -4.08 29.85
C VAL A 216 -0.18 -5.59 29.88
N SER A 217 -0.56 -6.14 31.04
CA SER A 217 -0.64 -7.60 31.23
C SER A 217 -2.04 -8.13 30.98
N LEU A 218 -2.17 -9.00 30.00
CA LEU A 218 -3.46 -9.50 29.59
C LEU A 218 -3.59 -10.95 29.98
N ASN A 219 -4.44 -11.22 30.96
CA ASN A 219 -4.65 -12.61 31.39
C ASN A 219 -5.90 -13.21 30.73
N PHE A 220 -5.72 -14.22 29.89
CA PHE A 220 -6.83 -14.77 29.11
C PHE A 220 -6.70 -16.27 28.90
N ARG A 221 -7.81 -16.92 28.59
CA ARG A 221 -7.78 -18.37 28.26
C ARG A 221 -8.80 -18.74 27.21
N LYS A 222 -8.67 -19.96 26.69
CA LYS A 222 -9.66 -20.54 25.78
C LYS A 222 -10.95 -20.90 26.51
N LYS A 223 -12.08 -20.67 25.87
CA LYS A 223 -13.38 -20.98 26.47
C LYS A 223 -13.67 -22.49 26.54
N LEU B 20 17.13 30.07 20.18
CA LEU B 20 16.50 29.03 19.37
C LEU B 20 15.68 28.06 20.20
N ASP B 21 14.44 27.80 19.78
CA ASP B 21 13.65 26.74 20.41
C ASP B 21 13.46 25.63 19.38
N ARG B 22 12.85 24.52 19.82
CA ARG B 22 12.64 23.39 18.92
C ARG B 22 11.90 23.80 17.66
N ALA B 23 10.89 24.64 17.80
CA ALA B 23 10.08 25.07 16.66
C ALA B 23 10.96 25.74 15.58
N ASP B 24 11.86 26.61 16.02
CA ASP B 24 12.80 27.29 15.14
C ASP B 24 13.79 26.34 14.41
N ILE B 25 14.38 25.41 15.16
CA ILE B 25 15.32 24.45 14.60
C ILE B 25 14.68 23.54 13.53
N LEU B 26 13.51 23.00 13.84
CA LEU B 26 12.82 22.09 12.93
C LEU B 26 12.39 22.85 11.68
N TYR B 27 12.06 24.13 11.87
CA TYR B 27 11.72 25.00 10.75
C TYR B 27 12.89 25.17 9.82
N ASN B 28 14.02 25.62 10.36
CA ASN B 28 15.25 25.72 9.56
C ASN B 28 15.62 24.41 8.85
N ILE B 29 15.52 23.29 9.55
CA ILE B 29 15.83 22.00 8.94
C ILE B 29 14.91 21.67 7.77
N ARG B 30 13.61 21.89 7.95
CA ARG B 30 12.65 21.68 6.85
C ARG B 30 12.93 22.54 5.61
N GLN B 31 13.43 23.75 5.81
CA GLN B 31 13.69 24.66 4.69
C GLN B 31 15.02 24.49 3.94
N THR B 32 16.05 24.04 4.60
CA THR B 32 17.35 24.00 4.00
C THR B 32 18.05 22.66 3.87
N SER B 33 17.40 21.59 4.33
CA SER B 33 18.03 20.30 4.53
C SER B 33 18.61 19.54 3.32
N ARG B 34 17.94 19.62 2.16
CA ARG B 34 18.41 18.91 0.98
C ARG B 34 18.51 17.40 1.10
N PRO B 35 17.30 16.75 1.14
CA PRO B 35 17.36 15.31 1.35
C PRO B 35 17.97 14.46 0.24
N ASP B 36 18.16 15.02 -0.93
CA ASP B 36 18.74 14.29 -2.01
C ASP B 36 20.21 14.45 -2.18
N VAL B 37 20.79 15.29 -1.36
CA VAL B 37 22.21 15.59 -1.44
C VAL B 37 23.04 14.94 -0.36
N ILE B 38 23.90 14.00 -0.75
CA ILE B 38 24.85 13.34 0.15
C ILE B 38 25.79 14.36 0.81
N PRO B 39 25.88 14.32 2.15
CA PRO B 39 26.67 15.30 2.90
C PRO B 39 28.18 14.94 2.95
N THR B 40 28.82 14.91 1.78
CA THR B 40 30.27 14.69 1.72
C THR B 40 31.00 15.92 2.21
N GLN B 41 32.20 15.72 2.74
CA GLN B 41 33.05 16.80 3.23
C GLN B 41 34.42 16.77 2.56
N ARG B 42 34.64 17.67 1.65
CA ARG B 42 35.98 17.76 1.13
C ARG B 42 36.37 16.44 0.52
N ASP B 43 35.45 15.82 -0.19
CA ASP B 43 35.79 14.64 -0.96
C ASP B 43 36.08 13.41 -0.14
N ARG B 44 35.49 13.35 1.01
CA ARG B 44 35.69 12.22 1.86
C ARG B 44 34.41 11.51 1.97
N PRO B 45 34.52 10.16 2.19
CA PRO B 45 33.26 9.45 2.28
C PRO B 45 32.46 9.83 3.48
N VAL B 46 31.16 9.74 3.39
CA VAL B 46 30.38 9.88 4.60
C VAL B 46 30.60 8.58 5.38
N ALA B 47 31.01 8.67 6.64
CA ALA B 47 31.22 7.45 7.41
C ALA B 47 29.92 6.99 8.09
N VAL B 48 29.37 5.88 7.61
CA VAL B 48 28.14 5.36 8.17
C VAL B 48 28.47 4.16 9.06
N SER B 49 27.96 4.16 10.28
CA SER B 49 28.10 3.00 11.15
C SER B 49 26.80 2.23 11.17
N VAL B 50 26.89 0.91 11.11
CA VAL B 50 25.72 0.06 11.10
C VAL B 50 25.84 -0.99 12.20
N SER B 51 24.76 -1.18 12.94
CA SER B 51 24.74 -2.21 13.98
C SER B 51 23.36 -2.89 14.06
N LEU B 52 23.32 -4.21 14.00
CA LEU B 52 22.05 -4.93 14.13
C LEU B 52 21.83 -5.47 15.56
N LYS B 53 20.69 -5.17 16.15
CA LYS B 53 20.33 -5.74 17.44
C LYS B 53 19.18 -6.69 17.19
N PHE B 54 19.43 -7.99 17.36
CA PHE B 54 18.40 -8.99 17.09
C PHE B 54 17.33 -9.04 18.16
N ILE B 55 16.08 -9.06 17.70
CA ILE B 55 14.96 -9.03 18.62
C ILE B 55 14.21 -10.37 18.61
N ASN B 56 14.08 -10.96 17.43
CA ASN B 56 13.34 -12.23 17.30
C ASN B 56 13.76 -13.04 16.09
N ILE B 57 13.56 -14.35 16.16
CA ILE B 57 13.72 -15.23 15.01
C ILE B 57 12.42 -16.01 14.87
N LEU B 58 11.81 -15.96 13.70
CA LEU B 58 10.39 -16.27 13.61
C LEU B 58 10.03 -17.50 12.85
N GLU B 59 10.56 -17.62 11.63
CA GLU B 59 10.14 -18.73 10.79
C GLU B 59 11.31 -19.30 10.06
N VAL B 60 11.78 -20.41 10.56
CA VAL B 60 12.95 -21.01 9.97
C VAL B 60 12.51 -22.17 9.10
N ASN B 61 13.15 -22.30 7.94
CA ASN B 61 12.91 -23.43 7.06
C ASN B 61 14.26 -23.98 6.59
N GLU B 62 14.64 -25.14 7.15
CA GLU B 62 15.93 -25.75 6.85
C GLU B 62 15.93 -26.32 5.43
N ILE B 63 14.74 -26.70 4.95
CA ILE B 63 14.61 -27.26 3.60
C ILE B 63 14.92 -26.21 2.52
N THR B 64 14.35 -25.01 2.67
CA THR B 64 14.47 -23.97 1.65
C THR B 64 15.55 -22.95 1.97
N ASN B 65 16.17 -23.08 3.14
CA ASN B 65 17.20 -22.14 3.58
C ASN B 65 16.74 -20.67 3.66
N GLU B 66 15.65 -20.45 4.40
CA GLU B 66 15.08 -19.13 4.59
C GLU B 66 14.77 -18.85 6.06
N VAL B 67 15.07 -17.63 6.52
CA VAL B 67 14.75 -17.25 7.89
C VAL B 67 13.98 -15.94 7.91
N ASP B 68 13.22 -15.75 8.99
CA ASP B 68 12.48 -14.51 9.23
C ASP B 68 13.02 -13.83 10.46
N VAL B 69 13.64 -12.67 10.29
CA VAL B 69 14.25 -12.01 11.42
C VAL B 69 13.60 -10.67 11.75
N VAL B 70 13.53 -10.35 13.05
CA VAL B 70 13.19 -9.01 13.51
C VAL B 70 14.41 -8.46 14.21
N PHE B 71 14.86 -7.27 13.78
CA PHE B 71 16.05 -6.64 14.34
C PHE B 71 15.94 -5.11 14.30
N TRP B 72 16.67 -4.44 15.19
CA TRP B 72 16.87 -2.99 15.10
C TRP B 72 18.08 -2.76 14.21
N GLN B 73 17.94 -1.86 13.23
CA GLN B 73 19.06 -1.51 12.34
C GLN B 73 19.62 -0.15 12.71
N GLN B 74 20.48 -0.12 13.71
CA GLN B 74 21.00 1.16 14.20
C GLN B 74 22.02 1.77 13.24
N THR B 75 21.67 2.91 12.65
CA THR B 75 22.47 3.56 11.61
C THR B 75 22.88 4.96 12.04
N THR B 76 24.17 5.27 11.89
CA THR B 76 24.71 6.53 12.42
C THR B 76 25.68 7.25 11.45
N TRP B 77 25.50 8.55 11.26
CA TRP B 77 26.41 9.28 10.38
C TRP B 77 26.39 10.75 10.73
N SER B 78 27.22 11.53 10.03
CA SER B 78 27.33 12.94 10.33
C SER B 78 26.91 13.83 9.16
N ASP B 79 26.10 14.86 9.46
CA ASP B 79 25.62 15.82 8.46
C ASP B 79 25.70 17.26 9.00
N ARG B 80 26.79 17.97 8.69
CA ARG B 80 27.03 19.29 9.26
C ARG B 80 26.01 20.35 8.83
N THR B 81 25.37 20.12 7.69
CA THR B 81 24.25 20.93 7.22
C THR B 81 23.15 21.12 8.27
N LEU B 82 22.99 20.15 9.15
CA LEU B 82 21.92 20.18 10.13
C LEU B 82 22.30 20.86 11.46
N ALA B 83 23.57 21.24 11.61
CA ALA B 83 24.07 21.71 12.90
C ALA B 83 23.52 23.09 13.28
N TRP B 84 23.47 23.36 14.59
CA TRP B 84 23.06 24.66 15.08
C TRP B 84 23.84 24.99 16.36
N ASN B 85 23.82 26.27 16.76
CA ASN B 85 24.44 26.71 18.02
C ASN B 85 23.55 26.32 19.21
N SER B 86 24.01 25.39 20.05
CA SER B 86 23.15 24.89 21.13
C SER B 86 23.37 25.62 22.46
N SER B 87 23.83 26.86 22.37
CA SER B 87 24.20 27.65 23.55
C SER B 87 23.08 27.73 24.60
N HIS B 88 21.97 28.37 24.25
CA HIS B 88 20.82 28.41 25.15
C HIS B 88 19.64 27.76 24.47
N SER B 89 19.89 26.56 23.93
CA SER B 89 18.96 25.92 23.03
C SER B 89 18.95 24.44 23.30
N PRO B 90 17.92 23.73 22.78
CA PRO B 90 17.94 22.27 22.84
C PRO B 90 19.16 21.74 22.09
N ASP B 91 19.71 20.63 22.56
CA ASP B 91 20.87 20.01 21.91
C ASP B 91 20.46 18.79 21.06
N GLN B 92 19.16 18.52 20.98
CA GLN B 92 18.65 17.44 20.14
C GLN B 92 17.18 17.64 19.73
N VAL B 93 16.82 17.11 18.55
CA VAL B 93 15.44 17.09 18.08
C VAL B 93 15.14 15.78 17.32
N SER B 94 13.87 15.44 17.16
CA SER B 94 13.49 14.29 16.36
C SER B 94 12.95 14.79 15.03
N VAL B 95 13.42 14.18 13.94
CA VAL B 95 13.11 14.70 12.60
C VAL B 95 12.57 13.60 11.74
N PRO B 96 11.46 13.86 11.05
CA PRO B 96 10.96 12.83 10.10
C PRO B 96 12.02 12.57 9.03
N ILE B 97 12.27 11.30 8.70
CA ILE B 97 13.37 10.99 7.77
C ILE B 97 13.13 11.52 6.37
N SER B 98 11.88 11.82 6.04
CA SER B 98 11.58 12.45 4.76
C SER B 98 12.25 13.84 4.61
N SER B 99 12.65 14.45 5.72
CA SER B 99 13.32 15.75 5.65
C SER B 99 14.84 15.71 5.76
N LEU B 100 15.45 14.53 5.62
CA LEU B 100 16.90 14.37 5.81
C LEU B 100 17.49 13.54 4.69
N TRP B 101 18.76 13.74 4.37
CA TRP B 101 19.43 12.72 3.59
C TRP B 101 19.62 11.50 4.47
N VAL B 102 19.49 10.33 3.87
CA VAL B 102 19.62 9.05 4.55
C VAL B 102 20.42 8.11 3.63
N PRO B 103 21.32 7.29 4.19
CA PRO B 103 22.11 6.39 3.35
C PRO B 103 21.24 5.31 2.73
N ASP B 104 21.54 4.93 1.48
CA ASP B 104 20.76 3.95 0.70
C ASP B 104 21.19 2.47 0.92
N LEU B 105 21.13 2.04 2.17
CA LEU B 105 21.55 0.70 2.55
C LEU B 105 20.51 -0.33 2.10
N ALA B 106 20.99 -1.52 1.74
CA ALA B 106 20.12 -2.63 1.36
C ALA B 106 20.75 -3.93 1.81
N ALA B 107 19.91 -4.92 2.10
CA ALA B 107 20.39 -6.27 2.43
C ALA B 107 20.48 -7.11 1.16
N TYR B 108 21.71 -7.46 0.77
CA TYR B 108 21.94 -8.13 -0.51
C TYR B 108 21.24 -9.49 -0.61
N ASN B 109 21.07 -10.17 0.51
CA ASN B 109 20.45 -11.51 0.49
C ASN B 109 19.03 -11.52 1.08
N ALA B 110 18.39 -10.37 1.06
CA ALA B 110 17.00 -10.27 1.49
C ALA B 110 16.12 -10.81 0.36
N ILE B 111 15.00 -11.44 0.71
CA ILE B 111 14.12 -11.95 -0.33
C ILE B 111 12.72 -11.35 -0.19
N SER B 112 12.62 -10.34 0.66
CA SER B 112 11.38 -9.57 0.80
C SER B 112 11.81 -8.13 1.09
N LYS B 113 10.94 -7.16 0.89
CA LYS B 113 11.32 -5.77 1.23
C LYS B 113 11.21 -5.52 2.73
N PRO B 114 12.03 -4.60 3.27
CA PRO B 114 11.99 -4.36 4.73
C PRO B 114 10.61 -3.91 5.16
N GLU B 115 10.05 -4.53 6.20
CA GLU B 115 8.78 -4.07 6.79
C GLU B 115 9.10 -3.22 8.04
N VAL B 116 8.92 -1.90 7.92
CA VAL B 116 9.31 -1.03 9.04
C VAL B 116 8.25 -0.96 10.14
N LEU B 117 8.58 -1.43 11.34
CA LEU B 117 7.61 -1.59 12.42
C LEU B 117 7.40 -0.32 13.24
N THR B 118 8.37 0.59 13.21
CA THR B 118 8.36 1.73 14.12
C THR B 118 8.12 3.04 13.36
N PRO B 119 7.80 4.14 14.09
CA PRO B 119 7.74 5.49 13.55
C PRO B 119 9.03 5.86 12.84
N GLN B 120 8.93 6.56 11.72
CA GLN B 120 10.10 6.81 10.90
C GLN B 120 10.80 8.15 11.20
N LEU B 121 11.31 8.26 12.42
CA LEU B 121 11.97 9.48 12.90
C LEU B 121 13.44 9.23 13.14
N ALA B 122 14.27 10.22 12.85
CA ALA B 122 15.68 10.18 13.21
C ALA B 122 15.98 11.13 14.37
N HIS B 123 17.03 10.79 15.11
CA HIS B 123 17.51 11.62 16.21
C HIS B 123 18.64 12.49 15.67
N VAL B 124 18.56 13.80 15.92
CA VAL B 124 19.58 14.73 15.46
C VAL B 124 20.12 15.55 16.61
N VAL B 125 21.44 15.59 16.74
CA VAL B 125 22.12 16.32 17.81
C VAL B 125 22.69 17.61 17.20
N SER B 126 22.80 18.67 18.00
CA SER B 126 23.24 19.98 17.50
C SER B 126 24.56 20.01 16.72
N ASP B 127 25.44 19.03 16.94
CA ASP B 127 26.68 18.98 16.18
C ASP B 127 26.53 18.43 14.75
N GLY B 128 25.39 17.83 14.43
CA GLY B 128 25.16 17.30 13.10
C GLY B 128 25.12 15.79 13.07
N GLU B 129 25.17 15.17 14.25
CA GLU B 129 25.14 13.71 14.34
C GLU B 129 23.73 13.16 14.24
N VAL B 130 23.52 12.22 13.32
CA VAL B 130 22.20 11.66 13.09
C VAL B 130 22.22 10.19 13.46
N GLN B 131 21.17 9.74 14.13
CA GLN B 131 20.98 8.31 14.36
C GLN B 131 19.56 7.89 13.98
N TYR B 132 19.45 6.88 13.13
CA TYR B 132 18.16 6.34 12.73
C TYR B 132 18.14 4.84 13.01
N THR B 133 17.25 4.42 13.90
CA THR B 133 17.19 3.03 14.38
C THR B 133 15.78 2.44 14.23
N PRO B 134 15.40 2.05 13.01
CA PRO B 134 14.07 1.46 12.85
C PRO B 134 14.06 -0.01 13.24
N SER B 135 12.93 -0.49 13.75
CA SER B 135 12.77 -1.93 13.92
C SER B 135 12.24 -2.55 12.63
N ILE B 136 12.90 -3.59 12.15
CA ILE B 136 12.57 -4.16 10.84
C ILE B 136 12.32 -5.66 10.89
N ARG B 137 11.22 -6.10 10.29
CA ARG B 137 11.02 -7.51 10.03
C ARG B 137 11.36 -7.79 8.55
N GLN B 138 12.25 -8.75 8.31
CA GLN B 138 12.65 -9.11 6.95
C GLN B 138 12.96 -10.61 6.77
N ARG B 139 12.68 -11.14 5.58
CA ARG B 139 13.00 -12.53 5.27
C ARG B 139 14.32 -12.63 4.46
N PHE B 140 15.21 -13.55 4.85
CA PHE B 140 16.51 -13.70 4.18
C PHE B 140 16.78 -15.10 3.63
N SER B 141 17.79 -15.18 2.77
CA SER B 141 18.23 -16.44 2.22
C SER B 141 19.63 -16.69 2.75
N CYS B 142 19.78 -17.75 3.54
CA CYS B 142 21.08 -18.04 4.17
C CYS B 142 21.22 -19.51 4.59
N ASP B 143 22.37 -19.84 5.16
CA ASP B 143 22.64 -21.21 5.56
C ASP B 143 21.97 -21.56 6.90
N VAL B 144 21.00 -22.47 6.84
CA VAL B 144 20.16 -22.82 7.98
C VAL B 144 20.51 -24.21 8.55
N SER B 145 21.28 -24.98 7.79
CA SER B 145 21.68 -26.33 8.21
C SER B 145 22.30 -26.38 9.62
N GLY B 146 21.81 -27.32 10.43
CA GLY B 146 22.32 -27.53 11.77
C GLY B 146 21.63 -26.66 12.79
N VAL B 147 20.46 -26.14 12.43
CA VAL B 147 19.70 -25.29 13.32
C VAL B 147 19.18 -26.11 14.52
N ASP B 148 18.99 -27.41 14.30
CA ASP B 148 18.50 -28.31 15.36
C ASP B 148 19.64 -29.13 16.00
N THR B 149 20.80 -28.51 16.13
CA THR B 149 22.04 -29.13 16.56
C THR B 149 22.62 -28.33 17.72
N GLU B 150 23.49 -28.93 18.53
CA GLU B 150 24.06 -28.22 19.65
C GLU B 150 24.97 -27.05 19.23
N SER B 151 25.56 -27.15 18.04
CA SER B 151 26.46 -26.10 17.52
C SER B 151 25.77 -25.00 16.68
N GLY B 152 24.54 -25.27 16.26
CA GLY B 152 23.70 -24.25 15.64
C GLY B 152 23.98 -23.97 14.18
N ALA B 153 23.11 -23.17 13.56
CA ALA B 153 23.33 -22.67 12.19
C ALA B 153 24.04 -21.32 12.23
N THR B 154 24.80 -21.00 11.19
CA THR B 154 25.34 -19.65 11.05
C THR B 154 24.82 -18.98 9.79
N CYS B 155 23.94 -18.00 9.99
CA CYS B 155 23.36 -17.22 8.91
C CYS B 155 24.10 -15.87 8.77
N ARG B 156 24.56 -15.53 7.56
CA ARG B 156 25.21 -14.22 7.32
C ARG B 156 24.28 -13.23 6.60
N ILE B 157 24.29 -11.97 7.05
CA ILE B 157 23.50 -10.92 6.40
C ILE B 157 24.43 -9.85 5.89
N LYS B 158 24.34 -9.56 4.60
CA LYS B 158 25.26 -8.60 3.97
C LYS B 158 24.54 -7.27 3.68
N ILE B 159 25.02 -6.20 4.29
CA ILE B 159 24.37 -4.90 4.19
C ILE B 159 25.34 -3.82 3.70
N GLY B 160 24.94 -3.07 2.67
CA GLY B 160 25.80 -2.01 2.15
C GLY B 160 25.07 -0.96 1.32
N SER B 161 25.79 0.07 0.90
CA SER B 161 25.21 1.07 0.01
C SER B 161 24.89 0.49 -1.36
N TRP B 162 23.72 0.81 -1.89
CA TRP B 162 23.30 0.24 -3.15
C TRP B 162 23.90 0.96 -4.37
N THR B 163 24.07 2.28 -4.27
CA THR B 163 24.48 3.08 -5.43
C THR B 163 25.72 3.91 -5.20
N HIS B 164 26.19 4.00 -3.97
CA HIS B 164 27.39 4.81 -3.68
C HIS B 164 28.63 3.96 -3.44
N HIS B 165 29.72 4.26 -4.15
CA HIS B 165 30.96 3.48 -3.96
C HIS B 165 31.78 3.92 -2.73
N SER B 166 32.95 3.32 -2.55
CA SER B 166 33.74 3.46 -1.32
C SER B 166 34.27 4.86 -1.02
N ARG B 167 34.33 5.72 -2.04
CA ARG B 167 34.83 7.08 -1.84
C ARG B 167 33.72 8.06 -1.51
N GLU B 168 32.47 7.59 -1.62
CA GLU B 168 31.30 8.38 -1.31
C GLU B 168 30.65 7.96 0.03
N ILE B 169 30.45 6.66 0.19
CA ILE B 169 29.99 6.10 1.46
C ILE B 169 30.89 4.94 1.92
N SER B 170 31.38 5.03 3.15
CA SER B 170 32.02 3.88 3.80
C SER B 170 31.16 3.35 4.95
N VAL B 171 30.96 2.04 5.00
CA VAL B 171 30.22 1.40 6.09
C VAL B 171 31.17 0.64 7.01
N ASP B 172 30.95 0.78 8.31
CA ASP B 172 31.83 0.18 9.30
C ASP B 172 31.01 -0.35 10.45
N PRO B 173 31.43 -1.49 11.03
CA PRO B 173 30.74 -2.04 12.20
C PRO B 173 31.01 -1.17 13.42
N THR B 174 30.15 -1.22 14.41
CA THR B 174 30.28 -0.38 15.59
C THR B 174 31.33 -0.91 16.58
N ASP B 180 24.60 -9.28 22.50
CA ASP B 180 24.01 -10.17 21.49
C ASP B 180 22.52 -10.38 21.73
N SER B 181 22.24 -11.11 22.81
CA SER B 181 20.89 -11.44 23.27
C SER B 181 20.30 -10.32 24.14
N GLU B 182 20.94 -9.16 24.12
CA GLU B 182 20.59 -8.09 25.04
C GLU B 182 19.11 -7.70 24.96
N TYR B 183 18.58 -7.65 23.74
CA TYR B 183 17.18 -7.34 23.55
C TYR B 183 16.44 -8.49 22.88
N PHE B 184 17.09 -9.65 22.80
CA PHE B 184 16.47 -10.82 22.18
C PHE B 184 15.32 -11.37 23.02
N SER B 185 14.24 -11.77 22.35
CA SER B 185 13.05 -12.24 23.03
C SER B 185 13.28 -13.58 23.71
N GLN B 186 12.92 -13.66 25.00
CA GLN B 186 12.95 -14.93 25.73
C GLN B 186 11.89 -15.89 25.21
N TYR B 187 10.89 -15.37 24.51
CA TYR B 187 9.78 -16.20 24.05
C TYR B 187 9.95 -16.78 22.63
N SER B 188 11.02 -16.39 21.95
CA SER B 188 11.36 -17.05 20.68
C SER B 188 11.59 -18.56 20.87
N ARG B 189 11.37 -19.34 19.80
CA ARG B 189 11.69 -20.77 19.81
C ARG B 189 13.18 -21.02 19.63
N PHE B 190 13.94 -19.94 19.48
CA PHE B 190 15.36 -20.04 19.19
C PHE B 190 16.17 -19.21 20.17
N GLU B 191 17.48 -19.44 20.17
CA GLU B 191 18.38 -18.68 21.03
C GLU B 191 19.65 -18.33 20.28
N ILE B 192 20.28 -17.22 20.68
CA ILE B 192 21.48 -16.74 20.00
C ILE B 192 22.72 -17.26 20.74
N LEU B 193 23.63 -17.86 19.97
CA LEU B 193 24.88 -18.36 20.53
C LEU B 193 26.00 -17.33 20.40
N ASP B 194 26.03 -16.65 19.25
CA ASP B 194 27.03 -15.60 19.01
C ASP B 194 26.70 -14.70 17.81
N VAL B 195 27.17 -13.45 17.88
CA VAL B 195 27.05 -12.54 16.75
C VAL B 195 28.39 -11.89 16.43
N THR B 196 28.89 -12.10 15.21
CA THR B 196 30.13 -11.45 14.78
C THR B 196 29.92 -10.54 13.57
N GLN B 197 30.77 -9.52 13.44
CA GLN B 197 30.65 -8.54 12.35
C GLN B 197 31.99 -8.45 11.61
N LYS B 198 31.95 -8.34 10.29
CA LYS B 198 33.18 -7.99 9.58
C LYS B 198 32.89 -7.14 8.35
N LYS B 199 33.89 -6.38 7.91
CA LYS B 199 33.70 -5.47 6.78
C LYS B 199 34.31 -6.00 5.48
N ASN B 200 33.57 -5.90 4.39
CA ASN B 200 34.09 -6.29 3.07
C ASN B 200 34.16 -5.11 2.09
N SER B 201 35.06 -5.21 1.13
CA SER B 201 35.13 -4.23 0.05
C SER B 201 35.13 -5.01 -1.26
N VAL B 202 34.07 -4.85 -2.05
CA VAL B 202 33.82 -5.72 -3.20
C VAL B 202 33.82 -4.94 -4.52
N THR B 203 34.43 -5.50 -5.56
CA THR B 203 34.33 -4.90 -6.88
C THR B 203 33.39 -5.72 -7.76
N TYR B 204 32.33 -5.08 -8.25
CA TYR B 204 31.35 -5.74 -9.13
C TYR B 204 31.68 -5.60 -10.62
N SER B 205 31.08 -6.47 -11.43
CA SER B 205 31.37 -6.56 -12.86
C SER B 205 30.98 -5.30 -13.64
N CYS B 206 30.15 -4.47 -13.04
CA CYS B 206 29.65 -3.29 -13.71
C CYS B 206 30.63 -2.10 -13.70
N CYS B 207 31.32 -1.86 -12.58
CA CYS B 207 32.09 -0.63 -12.36
C CYS B 207 33.48 -0.89 -11.76
N PRO B 208 34.44 0.02 -12.02
CA PRO B 208 35.83 -0.14 -11.55
C PRO B 208 36.01 0.27 -10.09
N GLU B 209 34.95 0.78 -9.49
CA GLU B 209 35.00 1.27 -8.11
C GLU B 209 34.65 0.16 -7.12
N ALA B 210 35.08 0.30 -5.88
CA ALA B 210 34.77 -0.69 -4.85
C ALA B 210 33.55 -0.25 -4.05
N TYR B 211 32.72 -1.20 -3.65
CA TYR B 211 31.56 -0.92 -2.79
C TYR B 211 31.72 -1.62 -1.44
N GLU B 212 31.74 -0.84 -0.36
CA GLU B 212 31.81 -1.43 0.97
C GLU B 212 30.48 -2.03 1.47
N ASP B 213 30.60 -3.10 2.25
CA ASP B 213 29.45 -3.64 2.98
C ASP B 213 29.89 -4.24 4.33
N VAL B 214 28.92 -4.47 5.20
CA VAL B 214 29.15 -5.14 6.46
C VAL B 214 28.43 -6.49 6.41
N GLU B 215 29.13 -7.53 6.84
CA GLU B 215 28.59 -8.88 6.92
C GLU B 215 28.39 -9.22 8.39
N VAL B 216 27.14 -9.53 8.76
CA VAL B 216 26.83 -9.88 10.15
C VAL B 216 26.49 -11.36 10.27
N SER B 217 27.30 -12.08 11.05
CA SER B 217 27.13 -13.52 11.20
C SER B 217 26.36 -13.83 12.46
N LEU B 218 25.24 -14.48 12.28
CA LEU B 218 24.35 -14.79 13.39
C LEU B 218 24.35 -16.29 13.66
N ASN B 219 24.96 -16.68 14.78
CA ASN B 219 24.97 -18.08 15.17
C ASN B 219 23.83 -18.38 16.18
N PHE B 220 22.90 -19.23 15.78
CA PHE B 220 21.69 -19.50 16.58
C PHE B 220 21.22 -20.96 16.41
N ARG B 221 20.45 -21.45 17.38
CA ARG B 221 19.86 -22.78 17.27
C ARG B 221 18.49 -22.85 17.93
N LYS B 222 17.78 -23.95 17.68
CA LYS B 222 16.50 -24.24 18.32
C LYS B 222 16.68 -24.63 19.79
N LYS B 223 15.77 -24.16 20.64
CA LYS B 223 15.84 -24.43 22.07
C LYS B 223 15.45 -25.88 22.39
N GLY B 224 15.94 -26.38 23.53
CA GLY B 224 15.58 -27.69 24.03
C GLY B 224 15.78 -28.85 23.06
N LEU C 20 30.64 23.78 -10.14
CA LEU C 20 29.46 23.01 -9.78
C LEU C 20 29.80 21.99 -8.71
N ASP C 21 28.98 21.94 -7.67
CA ASP C 21 29.04 20.83 -6.70
C ASP C 21 27.82 19.93 -6.84
N ARG C 22 27.77 18.86 -6.05
CA ARG C 22 26.64 17.94 -6.13
C ARG C 22 25.34 18.65 -5.84
N ALA C 23 25.35 19.55 -4.85
CA ALA C 23 24.14 20.26 -4.49
C ALA C 23 23.56 21.04 -5.67
N ASP C 24 24.42 21.73 -6.40
CA ASP C 24 24.02 22.47 -7.61
C ASP C 24 23.45 21.59 -8.73
N ILE C 25 24.12 20.48 -9.04
CA ILE C 25 23.69 19.55 -10.08
C ILE C 25 22.32 18.96 -9.78
N LEU C 26 22.15 18.46 -8.56
CA LEU C 26 20.89 17.85 -8.16
C LEU C 26 19.76 18.89 -8.16
N TYR C 27 20.10 20.12 -7.81
CA TYR C 27 19.15 21.23 -7.90
C TYR C 27 18.68 21.43 -9.34
N ASN C 28 19.61 21.64 -10.26
CA ASN C 28 19.28 21.80 -11.66
C ASN C 28 18.47 20.64 -12.22
N ILE C 29 18.85 19.43 -11.84
CA ILE C 29 18.09 18.26 -12.29
C ILE C 29 16.65 18.27 -11.77
N ARG C 30 16.47 18.55 -10.48
CA ARG C 30 15.12 18.64 -9.95
C ARG C 30 14.24 19.70 -10.66
N GLN C 31 14.84 20.80 -11.11
CA GLN C 31 14.09 21.90 -11.72
C GLN C 31 13.75 21.75 -13.22
N THR C 32 14.50 20.93 -13.94
CA THR C 32 14.46 20.95 -15.39
C THR C 32 14.29 19.60 -16.06
N SER C 33 14.14 18.58 -15.25
CA SER C 33 14.23 17.20 -15.70
C SER C 33 13.18 16.66 -16.67
N ARG C 34 11.93 17.02 -16.46
CA ARG C 34 10.83 16.53 -17.27
C ARG C 34 10.63 15.04 -17.30
N PRO C 35 10.16 14.50 -16.14
CA PRO C 35 10.09 13.04 -16.08
C PRO C 35 9.08 12.42 -16.98
N ASP C 36 8.19 13.22 -17.51
CA ASP C 36 7.10 12.75 -18.30
C ASP C 36 7.41 12.71 -19.77
N VAL C 37 8.56 13.25 -20.11
CA VAL C 37 8.98 13.44 -21.52
C VAL C 37 10.11 12.50 -21.95
N ILE C 38 9.79 11.58 -22.84
CA ILE C 38 10.78 10.67 -23.41
C ILE C 38 11.91 11.43 -24.15
N PRO C 39 13.18 11.15 -23.78
CA PRO C 39 14.35 11.88 -24.33
C PRO C 39 14.79 11.40 -25.72
N THR C 40 13.89 11.50 -26.70
CA THR C 40 14.20 11.14 -28.07
C THR C 40 15.16 12.18 -28.66
N GLN C 41 16.02 11.72 -29.55
CA GLN C 41 16.89 12.61 -30.24
C GLN C 41 16.55 12.53 -31.69
N ARG C 42 16.05 13.63 -32.24
CA ARG C 42 15.80 13.67 -33.65
C ARG C 42 14.91 12.53 -34.06
N ASP C 43 13.95 12.23 -33.22
CA ASP C 43 12.95 11.19 -33.52
C ASP C 43 13.58 9.88 -33.93
N ARG C 44 14.53 9.47 -33.12
CA ARG C 44 15.21 8.22 -33.22
C ARG C 44 14.89 7.63 -31.90
N PRO C 45 14.90 6.25 -31.86
CA PRO C 45 14.51 5.67 -30.58
C PRO C 45 15.45 5.99 -29.48
N VAL C 46 14.97 5.91 -28.25
CA VAL C 46 15.88 5.88 -27.14
C VAL C 46 16.35 4.43 -27.06
N ALA C 47 17.66 4.23 -27.06
CA ALA C 47 18.16 2.86 -26.97
C ALA C 47 18.28 2.44 -25.52
N VAL C 48 17.42 1.51 -25.11
CA VAL C 48 17.47 0.99 -23.75
C VAL C 48 18.16 -0.39 -23.74
N SER C 49 19.13 -0.58 -22.86
CA SER C 49 19.73 -1.90 -22.70
C SER C 49 19.18 -2.53 -21.44
N VAL C 50 18.88 -3.82 -21.51
CA VAL C 50 18.32 -4.53 -20.39
C VAL C 50 19.13 -5.78 -20.11
N SER C 51 19.47 -6.00 -18.85
CA SER C 51 20.19 -7.21 -18.46
C SER C 51 19.71 -7.72 -17.11
N LEU C 52 19.30 -9.00 -17.04
CA LEU C 52 18.91 -9.60 -15.76
C LEU C 52 20.08 -10.36 -15.11
N LYS C 53 20.33 -10.10 -13.84
CA LYS C 53 21.29 -10.88 -13.07
C LYS C 53 20.52 -11.67 -12.04
N PHE C 54 20.49 -13.00 -12.19
CA PHE C 54 19.69 -13.82 -11.28
C PHE C 54 20.33 -13.95 -9.91
N ILE C 55 19.52 -13.75 -8.88
CA ILE C 55 20.03 -13.82 -7.52
C ILE C 55 19.49 -15.06 -6.79
N ASN C 56 18.22 -15.40 -7.03
CA ASN C 56 17.62 -16.54 -6.35
C ASN C 56 16.44 -17.14 -7.10
N ILE C 57 16.17 -18.42 -6.85
CA ILE C 57 14.95 -19.07 -7.34
C ILE C 57 14.24 -19.69 -6.15
N LEU C 58 12.98 -19.32 -5.94
CA LEU C 58 12.41 -19.48 -4.59
C LEU C 58 11.30 -20.49 -4.46
N GLU C 59 10.30 -20.40 -5.33
CA GLU C 59 9.17 -21.29 -5.18
C GLU C 59 8.75 -21.81 -6.51
N VAL C 60 9.11 -23.04 -6.77
CA VAL C 60 8.79 -23.64 -8.05
C VAL C 60 7.59 -24.56 -7.88
N ASN C 61 6.68 -24.50 -8.84
CA ASN C 61 5.54 -25.42 -8.86
C ASN C 61 5.40 -26.00 -10.27
N GLU C 62 5.80 -27.27 -10.42
CA GLU C 62 5.77 -27.94 -11.73
C GLU C 62 4.33 -28.19 -12.15
N ILE C 63 3.43 -28.37 -11.18
CA ILE C 63 2.02 -28.62 -11.46
C ILE C 63 1.36 -27.43 -12.14
N THR C 64 1.59 -26.24 -11.60
CA THR C 64 0.89 -25.03 -12.08
C THR C 64 1.76 -24.20 -13.00
N ASN C 65 3.00 -24.61 -13.18
CA ASN C 65 3.92 -23.90 -14.05
C ASN C 65 4.14 -22.46 -13.66
N GLU C 66 4.59 -22.26 -12.41
CA GLU C 66 4.87 -20.94 -11.85
C GLU C 66 6.19 -20.93 -11.09
N VAL C 67 6.98 -19.87 -11.26
CA VAL C 67 8.23 -19.74 -10.50
C VAL C 67 8.31 -18.40 -9.80
N ASP C 68 9.11 -18.35 -8.75
CA ASP C 68 9.39 -17.12 -8.01
C ASP C 68 10.84 -16.73 -8.14
N VAL C 69 11.11 -15.62 -8.81
CA VAL C 69 12.49 -15.26 -9.06
C VAL C 69 12.89 -13.97 -8.36
N VAL C 70 14.13 -13.90 -7.89
CA VAL C 70 14.76 -12.65 -7.48
C VAL C 70 15.93 -12.35 -8.40
N PHE C 71 15.90 -11.19 -9.03
CA PHE C 71 16.93 -10.79 -10.00
C PHE C 71 17.19 -9.29 -9.98
N TRP C 72 18.37 -8.87 -10.40
CA TRP C 72 18.63 -7.44 -10.64
C TRP C 72 18.23 -7.14 -12.05
N GLN C 73 17.49 -6.06 -12.25
CA GLN C 73 17.09 -5.66 -13.60
C GLN C 73 17.89 -4.46 -14.06
N GLN C 74 19.08 -4.72 -14.59
CA GLN C 74 19.98 -3.63 -14.95
C GLN C 74 19.54 -2.92 -16.24
N THR C 75 19.16 -1.66 -16.13
CA THR C 75 18.56 -0.92 -17.24
C THR C 75 19.39 0.33 -17.53
N THR C 76 19.72 0.54 -18.81
CA THR C 76 20.64 1.63 -19.17
C THR C 76 20.19 2.42 -20.41
N TRP C 77 20.24 3.75 -20.34
CA TRP C 77 19.87 4.55 -21.49
C TRP C 77 20.51 5.91 -21.41
N SER C 78 20.27 6.73 -22.44
CA SER C 78 20.88 8.06 -22.49
C SER C 78 19.86 9.20 -22.47
N ASP C 79 20.12 10.21 -21.65
CA ASP C 79 19.26 11.39 -21.57
C ASP C 79 20.10 12.67 -21.48
N ARG C 80 20.34 13.31 -22.63
CA ARG C 80 21.21 14.49 -22.73
C ARG C 80 20.71 15.70 -21.92
N THR C 81 19.41 15.74 -21.67
CA THR C 81 18.81 16.74 -20.79
C THR C 81 19.50 16.81 -19.42
N LEU C 82 20.08 15.71 -18.97
CA LEU C 82 20.65 15.64 -17.63
C LEU C 82 22.13 16.02 -17.61
N ALA C 83 22.73 16.23 -18.78
CA ALA C 83 24.18 16.38 -18.86
C ALA C 83 24.66 17.67 -18.20
N TRP C 84 25.92 17.67 -17.75
CA TRP C 84 26.56 18.89 -17.24
C TRP C 84 28.06 18.91 -17.55
N ASN C 85 28.71 20.02 -17.32
CA ASN C 85 30.14 20.10 -17.43
C ASN C 85 30.83 19.54 -16.23
N SER C 86 31.71 18.57 -16.41
CA SER C 86 32.29 17.87 -15.31
C SER C 86 33.63 18.39 -14.99
N SER C 87 33.96 19.53 -15.56
CA SER C 87 35.33 19.95 -15.64
C SER C 87 36.02 20.13 -14.33
N HIS C 88 35.40 20.76 -13.36
CA HIS C 88 36.00 20.85 -12.05
C HIS C 88 34.96 20.35 -11.09
N SER C 89 34.24 19.34 -11.52
CA SER C 89 33.04 18.92 -10.88
C SER C 89 32.95 17.45 -10.67
N PRO C 90 31.90 17.05 -9.88
CA PRO C 90 31.69 15.62 -9.83
C PRO C 90 31.26 15.11 -11.17
N ASP C 91 31.54 13.89 -11.54
CA ASP C 91 31.10 13.37 -12.81
C ASP C 91 29.97 12.40 -12.71
N GLN C 92 29.46 12.21 -11.53
CA GLN C 92 28.32 11.34 -11.26
C GLN C 92 27.54 11.74 -10.02
N VAL C 93 26.24 11.44 -10.02
CA VAL C 93 25.39 11.67 -8.85
C VAL C 93 24.32 10.59 -8.78
N SER C 94 23.72 10.39 -7.60
CA SER C 94 22.56 9.49 -7.47
C SER C 94 21.27 10.30 -7.43
N VAL C 95 20.27 9.88 -8.21
CA VAL C 95 19.06 10.68 -8.34
C VAL C 95 17.85 9.82 -8.08
N PRO C 96 16.90 10.32 -7.26
CA PRO C 96 15.66 9.55 -7.06
C PRO C 96 14.92 9.39 -8.39
N ILE C 97 14.46 8.18 -8.73
CA ILE C 97 13.85 7.96 -10.04
C ILE C 97 12.59 8.82 -10.27
N SER C 98 11.98 9.30 -9.20
CA SER C 98 10.81 10.14 -9.35
C SER C 98 11.17 11.43 -10.11
N SER C 99 12.46 11.77 -10.18
CA SER C 99 12.90 13.01 -10.82
C SER C 99 13.49 12.81 -12.21
N LEU C 100 13.26 11.66 -12.82
CA LEU C 100 13.85 11.33 -14.12
C LEU C 100 12.82 10.63 -14.96
N TRP C 101 12.95 10.78 -16.28
CA TRP C 101 12.21 9.89 -17.17
C TRP C 101 12.81 8.51 -17.05
N VAL C 102 11.96 7.50 -17.08
CA VAL C 102 12.36 6.10 -16.95
C VAL C 102 11.55 5.30 -17.96
N PRO C 103 12.18 4.30 -18.59
CA PRO C 103 11.44 3.48 -19.58
C PRO C 103 10.33 2.64 -18.95
N ASP C 104 9.19 2.51 -19.63
CA ASP C 104 8.03 1.79 -19.09
C ASP C 104 8.08 0.30 -19.40
N LEU C 105 9.13 -0.36 -18.92
CA LEU C 105 9.27 -1.79 -19.16
C LEU C 105 8.31 -2.62 -18.28
N ALA C 106 7.85 -3.74 -18.84
CA ALA C 106 6.99 -4.67 -18.12
C ALA C 106 7.33 -6.10 -18.54
N ALA C 107 7.13 -7.05 -17.62
CA ALA C 107 7.29 -8.47 -17.94
C ALA C 107 5.95 -9.03 -18.39
N TYR C 108 5.88 -9.43 -19.65
CA TYR C 108 4.61 -9.86 -20.25
C TYR C 108 4.00 -11.07 -19.58
N ASN C 109 4.84 -11.95 -19.03
CA ASN C 109 4.35 -13.20 -18.44
C ASN C 109 4.49 -13.20 -16.92
N ALA C 110 4.55 -12.00 -16.35
CA ALA C 110 4.53 -11.86 -14.90
C ALA C 110 3.09 -12.10 -14.40
N ILE C 111 2.94 -12.71 -13.24
CA ILE C 111 1.61 -12.90 -12.70
C ILE C 111 1.45 -12.24 -11.34
N SER C 112 2.42 -11.40 -11.00
CA SER C 112 2.35 -10.54 -9.81
C SER C 112 3.04 -9.25 -10.17
N LYS C 113 2.78 -8.17 -9.45
CA LYS C 113 3.51 -6.92 -9.73
C LYS C 113 4.95 -6.98 -9.16
N PRO C 114 5.88 -6.25 -9.78
CA PRO C 114 7.26 -6.29 -9.27
C PRO C 114 7.33 -5.80 -7.84
N GLU C 115 8.00 -6.54 -6.97
CA GLU C 115 8.26 -6.10 -5.60
C GLU C 115 9.68 -5.57 -5.55
N VAL C 116 9.84 -4.25 -5.42
CA VAL C 116 11.19 -3.64 -5.46
C VAL C 116 11.88 -3.66 -4.12
N LEU C 117 13.00 -4.37 -4.06
CA LEU C 117 13.65 -4.66 -2.78
C LEU C 117 14.62 -3.57 -2.32
N THR C 118 15.09 -2.77 -3.27
CA THR C 118 16.18 -1.84 -2.99
C THR C 118 15.71 -0.38 -3.07
N PRO C 119 16.52 0.55 -2.54
CA PRO C 119 16.28 2.00 -2.71
C PRO C 119 16.08 2.35 -4.18
N GLN C 120 15.13 3.26 -4.44
CA GLN C 120 14.83 3.62 -5.84
C GLN C 120 15.63 4.83 -6.38
N LEU C 121 16.94 4.62 -6.50
CA LEU C 121 17.87 5.63 -7.01
C LEU C 121 18.50 5.18 -8.31
N ALA C 122 18.69 6.13 -9.23
CA ALA C 122 19.41 5.87 -10.47
C ALA C 122 20.78 6.55 -10.44
N HIS C 123 21.72 5.96 -11.16
CA HIS C 123 23.07 6.51 -11.28
C HIS C 123 23.13 7.37 -12.54
N VAL C 124 23.62 8.60 -12.43
CA VAL C 124 23.68 9.51 -13.58
C VAL C 124 25.10 10.00 -13.72
N VAL C 125 25.61 9.92 -14.94
CA VAL C 125 26.96 10.36 -15.27
C VAL C 125 26.84 11.70 -16.01
N SER C 126 27.83 12.59 -15.89
CA SER C 126 27.80 13.91 -16.51
C SER C 126 27.50 13.97 -18.02
N ASP C 127 27.76 12.89 -18.75
CA ASP C 127 27.42 12.87 -20.18
C ASP C 127 25.92 12.68 -20.46
N GLY C 128 25.17 12.25 -19.47
CA GLY C 128 23.76 11.97 -19.66
C GLY C 128 23.39 10.50 -19.61
N GLU C 129 24.35 9.65 -19.24
CA GLU C 129 24.11 8.21 -19.17
C GLU C 129 23.47 7.84 -17.83
N VAL C 130 22.36 7.11 -17.91
CA VAL C 130 21.63 6.73 -16.72
C VAL C 130 21.64 5.22 -16.57
N GLN C 131 21.84 4.76 -15.34
CA GLN C 131 21.68 3.33 -15.05
C GLN C 131 20.78 3.14 -13.85
N TYR C 132 19.73 2.34 -14.00
CA TYR C 132 18.86 2.03 -12.89
C TYR C 132 18.80 0.50 -12.69
N THR C 133 19.26 0.02 -11.53
CA THR C 133 19.38 -1.41 -11.31
C THR C 133 18.71 -1.84 -10.01
N PRO C 134 17.37 -1.95 -10.05
CA PRO C 134 16.69 -2.40 -8.82
C PRO C 134 16.75 -3.92 -8.66
N SER C 135 16.76 -4.36 -7.41
CA SER C 135 16.56 -5.79 -7.14
C SER C 135 15.05 -6.06 -7.03
N ILE C 136 14.57 -7.05 -7.77
CA ILE C 136 13.14 -7.32 -7.87
C ILE C 136 12.80 -8.78 -7.56
N ARG C 137 11.81 -9.00 -6.71
CA ARG C 137 11.20 -10.32 -6.57
C ARG C 137 9.90 -10.34 -7.36
N GLN C 138 9.73 -11.32 -8.24
CA GLN C 138 8.51 -11.42 -9.05
C GLN C 138 8.11 -12.86 -9.37
N ARG C 139 6.80 -13.12 -9.49
CA ARG C 139 6.29 -14.44 -9.85
C ARG C 139 5.93 -14.51 -11.36
N PHE C 140 6.36 -15.57 -12.04
CA PHE C 140 6.10 -15.72 -13.48
C PHE C 140 5.39 -17.00 -13.86
N SER C 141 4.83 -16.99 -15.07
CA SER C 141 4.21 -18.17 -15.64
C SER C 141 5.08 -18.65 -16.79
N CYS C 142 5.65 -19.84 -16.66
CA CYS C 142 6.55 -20.38 -17.69
C CYS C 142 6.65 -21.89 -17.64
N ASP C 143 7.47 -22.45 -18.53
CA ASP C 143 7.64 -23.91 -18.61
C ASP C 143 8.60 -24.44 -17.54
N VAL C 144 8.04 -25.23 -16.62
CA VAL C 144 8.76 -25.69 -15.45
C VAL C 144 9.11 -27.18 -15.56
N SER C 145 8.48 -27.86 -16.52
CA SER C 145 8.69 -29.30 -16.73
C SER C 145 10.17 -29.69 -16.86
N GLY C 146 10.56 -30.72 -16.11
CA GLY C 146 11.93 -31.21 -16.17
C GLY C 146 12.85 -30.52 -15.21
N VAL C 147 12.25 -29.86 -14.22
CA VAL C 147 13.03 -29.13 -13.23
C VAL C 147 13.82 -30.10 -12.35
N ASP C 148 13.29 -31.32 -12.21
CA ASP C 148 13.91 -32.35 -11.37
C ASP C 148 14.66 -33.39 -12.21
N THR C 149 15.28 -32.92 -13.29
CA THR C 149 15.92 -33.73 -14.32
C THR C 149 17.34 -33.22 -14.53
N GLU C 150 18.23 -34.05 -15.05
CA GLU C 150 19.60 -33.62 -15.25
C GLU C 150 19.73 -32.49 -16.28
N SER C 151 18.80 -32.43 -17.24
CA SER C 151 18.83 -31.40 -18.29
C SER C 151 18.07 -30.09 -17.94
N GLY C 152 17.24 -30.14 -16.89
CA GLY C 152 16.63 -28.96 -16.33
C GLY C 152 15.40 -28.43 -17.04
N ALA C 153 14.75 -27.42 -16.45
CA ALA C 153 13.67 -26.68 -17.12
C ALA C 153 14.22 -25.44 -17.81
N THR C 154 13.52 -24.98 -18.84
CA THR C 154 13.89 -23.70 -19.45
C THR C 154 12.73 -22.73 -19.40
N CYS C 155 12.84 -21.73 -18.53
CA CYS C 155 11.83 -20.71 -18.34
C CYS C 155 12.22 -19.45 -19.12
N ARG C 156 11.30 -18.91 -19.94
CA ARG C 156 11.56 -17.66 -20.68
C ARG C 156 10.84 -16.48 -20.07
N ILE C 157 11.52 -15.35 -19.93
CA ILE C 157 10.91 -14.11 -19.45
C ILE C 157 10.95 -13.03 -20.52
N LYS C 158 9.79 -12.49 -20.86
CA LYS C 158 9.68 -11.52 -21.94
C LYS C 158 9.49 -10.10 -21.38
N ILE C 159 10.43 -9.21 -21.67
CA ILE C 159 10.42 -7.85 -21.13
C ILE C 159 10.48 -6.80 -22.23
N GLY C 160 9.57 -5.84 -22.22
CA GLY C 160 9.58 -4.79 -23.23
C GLY C 160 8.84 -3.53 -22.84
N SER C 161 8.91 -2.51 -23.68
CA SER C 161 8.11 -1.31 -23.44
C SER C 161 6.61 -1.56 -23.58
N TRP C 162 5.82 -1.02 -22.66
CA TRP C 162 4.39 -1.31 -22.65
C TRP C 162 3.61 -0.42 -23.61
N THR C 163 4.03 0.85 -23.74
CA THR C 163 3.29 1.81 -24.56
C THR C 163 4.09 2.45 -25.70
N HIS C 164 5.38 2.21 -25.77
CA HIS C 164 6.17 2.85 -26.81
C HIS C 164 6.60 1.87 -27.89
N HIS C 165 6.28 2.16 -29.15
CA HIS C 165 6.69 1.28 -30.26
C HIS C 165 8.17 1.43 -30.67
N SER C 166 8.57 0.69 -31.70
CA SER C 166 9.99 0.48 -32.00
C SER C 166 10.75 1.72 -32.48
N ARG C 167 10.01 2.75 -32.90
CA ARG C 167 10.64 4.00 -33.34
C ARG C 167 10.83 5.00 -32.18
N GLU C 168 10.24 4.68 -31.03
CA GLU C 168 10.36 5.52 -29.85
C GLU C 168 11.32 4.90 -28.81
N ILE C 169 11.14 3.60 -28.55
CA ILE C 169 12.04 2.85 -27.67
C ILE C 169 12.46 1.56 -28.34
N SER C 170 13.77 1.32 -28.39
CA SER C 170 14.30 0.02 -28.77
C SER C 170 14.98 -0.62 -27.55
N VAL C 171 14.67 -1.90 -27.31
CA VAL C 171 15.33 -2.66 -26.25
C VAL C 171 16.30 -3.66 -26.85
N ASP C 172 17.47 -3.80 -26.24
CA ASP C 172 18.53 -4.66 -26.74
C ASP C 172 19.21 -5.33 -25.56
N PRO C 173 19.64 -6.59 -25.73
CA PRO C 173 20.42 -7.30 -24.71
C PRO C 173 21.81 -6.68 -24.58
N THR C 174 22.47 -6.89 -23.45
CA THR C 174 23.80 -6.30 -23.21
C THR C 174 24.93 -7.13 -23.83
N SER C 181 25.58 -17.30 -12.99
CA SER C 181 25.61 -17.66 -11.57
C SER C 181 26.47 -16.69 -10.78
N GLU C 182 26.94 -15.64 -11.44
CA GLU C 182 27.91 -14.74 -10.83
C GLU C 182 27.45 -14.18 -9.47
N TYR C 183 26.17 -13.85 -9.36
CA TYR C 183 25.63 -13.38 -8.10
C TYR C 183 24.57 -14.31 -7.57
N PHE C 184 24.45 -15.49 -8.18
CA PHE C 184 23.43 -16.43 -7.76
C PHE C 184 23.73 -17.04 -6.39
N SER C 185 22.69 -17.17 -5.56
CA SER C 185 22.84 -17.65 -4.20
C SER C 185 23.25 -19.13 -4.15
N GLN C 186 24.33 -19.41 -3.40
CA GLN C 186 24.74 -20.79 -3.16
C GLN C 186 23.72 -21.54 -2.30
N TYR C 187 22.86 -20.82 -1.58
CA TYR C 187 21.93 -21.46 -0.65
C TYR C 187 20.55 -21.78 -1.24
N SER C 188 20.30 -21.34 -2.48
CA SER C 188 19.10 -21.75 -3.20
C SER C 188 19.00 -23.29 -3.34
N ARG C 189 17.77 -23.81 -3.44
CA ARG C 189 17.58 -25.24 -3.70
C ARG C 189 17.85 -25.57 -5.17
N PHE C 190 18.16 -24.56 -5.98
CA PHE C 190 18.30 -24.76 -7.40
C PHE C 190 19.62 -24.20 -7.89
N GLU C 191 20.00 -24.56 -9.12
CA GLU C 191 21.23 -24.08 -9.73
C GLU C 191 20.99 -23.67 -11.19
N ILE C 192 21.79 -22.71 -11.66
CA ILE C 192 21.65 -22.24 -13.05
C ILE C 192 22.59 -22.99 -13.98
N LEU C 193 22.04 -23.53 -15.06
CA LEU C 193 22.82 -24.26 -16.06
C LEU C 193 23.27 -23.32 -17.16
N ASP C 194 22.37 -22.44 -17.58
CA ASP C 194 22.67 -21.47 -18.64
C ASP C 194 21.65 -20.34 -18.74
N VAL C 195 22.10 -19.17 -19.19
CA VAL C 195 21.22 -18.05 -19.46
C VAL C 195 21.47 -17.48 -20.85
N THR C 196 20.46 -17.50 -21.71
CA THR C 196 20.58 -16.89 -23.04
C THR C 196 19.60 -15.73 -23.24
N GLN C 197 19.96 -14.80 -24.13
CA GLN C 197 19.14 -13.62 -24.39
C GLN C 197 18.86 -13.52 -25.90
N LYS C 198 17.65 -13.17 -26.30
CA LYS C 198 17.44 -12.79 -27.70
C LYS C 198 16.40 -11.68 -27.84
N LYS C 199 16.47 -10.97 -28.96
CA LYS C 199 15.58 -9.83 -29.18
C LYS C 199 14.43 -10.16 -30.13
N ASN C 200 13.21 -9.76 -29.79
CA ASN C 200 12.07 -9.94 -30.68
C ASN C 200 11.45 -8.62 -31.09
N SER C 201 10.78 -8.63 -32.23
CA SER C 201 10.03 -7.46 -32.70
C SER C 201 8.65 -7.98 -33.10
N VAL C 202 7.61 -7.56 -32.36
CA VAL C 202 6.28 -8.14 -32.47
C VAL C 202 5.25 -7.09 -32.90
N THR C 203 4.34 -7.49 -33.79
CA THR C 203 3.20 -6.65 -34.13
C THR C 203 1.91 -7.17 -33.48
N TYR C 204 1.27 -6.35 -32.66
CA TYR C 204 0.03 -6.75 -32.00
C TYR C 204 -1.21 -6.34 -32.79
N SER C 205 -2.32 -6.97 -32.45
CA SER C 205 -3.58 -6.80 -33.17
C SER C 205 -4.16 -5.39 -33.09
N CYS C 206 -3.67 -4.61 -32.14
CA CYS C 206 -4.21 -3.28 -31.91
C CYS C 206 -3.64 -2.21 -32.88
N CYS C 207 -2.33 -2.26 -33.16
CA CYS C 207 -1.62 -1.18 -33.85
C CYS C 207 -0.75 -1.69 -35.00
N PRO C 208 -0.46 -0.83 -36.00
CA PRO C 208 0.37 -1.20 -37.15
C PRO C 208 1.88 -1.11 -36.87
N GLU C 209 2.22 -0.63 -35.68
CA GLU C 209 3.61 -0.43 -35.29
C GLU C 209 4.19 -1.69 -34.63
N ALA C 210 5.50 -1.84 -34.65
CA ALA C 210 6.14 -2.97 -33.99
C ALA C 210 6.60 -2.59 -32.59
N TYR C 211 6.52 -3.53 -31.66
CA TYR C 211 7.02 -3.31 -30.30
C TYR C 211 8.17 -4.27 -29.98
N GLU C 212 9.34 -3.72 -29.66
CA GLU C 212 10.47 -4.57 -29.31
C GLU C 212 10.44 -5.11 -27.88
N ASP C 213 10.97 -6.31 -27.71
CA ASP C 213 11.18 -6.88 -26.38
C ASP C 213 12.42 -7.76 -26.35
N VAL C 214 12.86 -8.10 -25.15
CA VAL C 214 13.94 -9.02 -24.97
C VAL C 214 13.37 -10.25 -24.28
N GLU C 215 13.77 -11.41 -24.78
CA GLU C 215 13.41 -12.70 -24.19
C GLU C 215 14.62 -13.30 -23.50
N VAL C 216 14.50 -13.57 -22.19
CA VAL C 216 15.61 -14.13 -21.45
C VAL C 216 15.30 -15.56 -21.06
N SER C 217 16.10 -16.51 -21.56
CA SER C 217 15.90 -17.94 -21.30
C SER C 217 16.77 -18.41 -20.16
N LEU C 218 16.11 -18.92 -19.13
CA LEU C 218 16.80 -19.33 -17.92
C LEU C 218 16.74 -20.82 -17.78
N ASN C 219 17.87 -21.49 -17.98
CA ASN C 219 17.94 -22.94 -17.85
C ASN C 219 18.44 -23.35 -16.46
N PHE C 220 17.58 -24.00 -15.67
CA PHE C 220 17.89 -24.31 -14.27
C PHE C 220 17.30 -25.65 -13.81
N ARG C 221 17.85 -26.23 -12.76
CA ARG C 221 17.30 -27.46 -12.20
C ARG C 221 17.47 -27.53 -10.69
N LYS C 222 16.79 -28.51 -10.08
CA LYS C 222 16.93 -28.79 -8.66
C LYS C 222 18.28 -29.46 -8.38
N LYS C 223 18.92 -29.09 -7.27
CA LYS C 223 20.21 -29.65 -6.87
C LYS C 223 20.08 -31.09 -6.36
N GLY C 224 21.18 -31.85 -6.46
CA GLY C 224 21.26 -33.20 -5.94
C GLY C 224 22.42 -33.41 -4.99
N LEU D 20 5.55 22.10 -32.66
CA LEU D 20 5.28 21.40 -31.41
C LEU D 20 6.13 20.17 -31.32
N ASP D 21 6.81 19.98 -30.19
CA ASP D 21 7.51 18.73 -29.92
C ASP D 21 6.82 18.00 -28.77
N ARG D 22 7.28 16.80 -28.44
CA ARG D 22 6.66 16.04 -27.37
C ARG D 22 6.64 16.84 -26.08
N ALA D 23 7.73 17.54 -25.81
CA ALA D 23 7.84 18.26 -24.54
C ALA D 23 6.72 19.29 -24.41
N ASP D 24 6.46 19.98 -25.51
CA ASP D 24 5.41 21.00 -25.54
C ASP D 24 3.98 20.42 -25.36
N ILE D 25 3.70 19.31 -26.05
CA ILE D 25 2.38 18.69 -25.97
C ILE D 25 2.07 18.17 -24.57
N LEU D 26 3.01 17.43 -23.98
CA LEU D 26 2.84 16.91 -22.62
C LEU D 26 2.71 18.04 -21.60
N TYR D 27 3.39 19.16 -21.86
CA TYR D 27 3.27 20.34 -21.02
C TYR D 27 1.86 20.88 -21.06
N ASN D 28 1.36 21.17 -22.26
CA ASN D 28 -0.01 21.64 -22.41
C ASN D 28 -1.02 20.70 -21.77
N ILE D 29 -0.81 19.40 -21.96
CA ILE D 29 -1.74 18.43 -21.39
C ILE D 29 -1.74 18.49 -19.87
N ARG D 30 -0.56 18.57 -19.28
CA ARG D 30 -0.48 18.68 -17.84
C ARG D 30 -1.20 19.92 -17.27
N GLN D 31 -1.19 21.01 -18.03
CA GLN D 31 -1.73 22.29 -17.55
C GLN D 31 -3.23 22.50 -17.77
N THR D 32 -3.84 21.75 -18.68
CA THR D 32 -5.19 22.06 -19.13
C THR D 32 -6.16 20.86 -19.16
N SER D 33 -5.66 19.74 -18.71
CA SER D 33 -6.24 18.42 -18.91
C SER D 33 -7.59 18.18 -18.29
N ARG D 34 -7.79 18.64 -17.06
CA ARG D 34 -9.03 18.37 -16.34
C ARG D 34 -9.42 16.92 -16.08
N PRO D 35 -8.58 16.23 -15.23
CA PRO D 35 -8.94 14.84 -14.96
C PRO D 35 -10.26 14.54 -14.31
N ASP D 36 -10.87 15.52 -13.68
CA ASP D 36 -12.09 15.33 -12.95
C ASP D 36 -13.30 15.63 -13.74
N VAL D 37 -13.12 16.04 -14.95
CA VAL D 37 -14.23 16.46 -15.81
C VAL D 37 -14.44 15.51 -16.98
N ILE D 38 -15.57 14.81 -16.95
CA ILE D 38 -15.98 13.94 -18.05
C ILE D 38 -16.14 14.73 -19.39
N PRO D 39 -15.49 14.23 -20.47
CA PRO D 39 -15.45 14.96 -21.75
C PRO D 39 -16.69 14.72 -22.63
N THR D 40 -17.86 15.09 -22.12
CA THR D 40 -19.10 14.97 -22.89
C THR D 40 -19.09 16.00 -24.00
N GLN D 41 -19.74 15.68 -25.10
CA GLN D 41 -19.80 16.58 -26.23
C GLN D 41 -21.21 16.82 -26.65
N ARG D 42 -21.68 18.03 -26.46
CA ARG D 42 -23.01 18.41 -26.86
C ARG D 42 -24.10 17.51 -26.28
N ASP D 43 -23.96 17.17 -25.01
CA ASP D 43 -24.97 16.43 -24.30
C ASP D 43 -25.07 14.95 -24.64
N ARG D 44 -23.98 14.37 -25.08
CA ARG D 44 -23.98 13.00 -25.49
C ARG D 44 -23.10 12.18 -24.63
N PRO D 45 -23.43 10.85 -24.65
CA PRO D 45 -22.55 9.99 -23.88
C PRO D 45 -21.11 9.98 -24.35
N VAL D 46 -20.16 9.80 -23.46
CA VAL D 46 -18.84 9.45 -23.93
C VAL D 46 -18.91 7.98 -24.34
N ALA D 47 -18.54 7.67 -25.56
CA ALA D 47 -18.61 6.27 -25.97
C ALA D 47 -17.30 5.58 -25.59
N VAL D 48 -17.39 4.69 -24.61
CA VAL D 48 -16.24 3.90 -24.18
C VAL D 48 -16.31 2.51 -24.79
N SER D 49 -15.22 2.05 -25.37
CA SER D 49 -15.16 0.66 -25.83
C SER D 49 -14.36 -0.15 -24.86
N VAL D 50 -14.81 -1.36 -24.58
CA VAL D 50 -14.10 -2.25 -23.67
C VAL D 50 -13.86 -3.62 -24.29
N SER D 51 -12.64 -4.12 -24.17
CA SER D 51 -12.32 -5.43 -24.67
C SER D 51 -11.36 -6.15 -23.71
N LEU D 52 -11.68 -7.38 -23.31
CA LEU D 52 -10.76 -8.17 -22.48
C LEU D 52 -9.97 -9.17 -23.30
N LYS D 53 -8.65 -9.17 -23.15
CA LYS D 53 -7.80 -10.18 -23.76
C LYS D 53 -7.29 -11.08 -22.64
N PHE D 54 -7.71 -12.34 -22.64
CA PHE D 54 -7.30 -13.22 -21.55
C PHE D 54 -5.87 -13.70 -21.70
N ILE D 55 -5.13 -13.63 -20.61
CA ILE D 55 -3.73 -14.01 -20.63
C ILE D 55 -3.49 -15.30 -19.81
N ASN D 56 -4.23 -15.47 -18.72
CA ASN D 56 -4.05 -16.65 -17.88
C ASN D 56 -5.23 -16.97 -16.99
N ILE D 57 -5.37 -18.23 -16.61
CA ILE D 57 -6.37 -18.62 -15.61
C ILE D 57 -5.61 -19.38 -14.55
N LEU D 58 -5.76 -18.99 -13.29
CA LEU D 58 -4.73 -19.33 -12.29
C LEU D 58 -5.19 -20.23 -11.18
N GLU D 59 -6.32 -19.89 -10.57
CA GLU D 59 -6.73 -20.64 -9.40
C GLU D 59 -8.22 -20.84 -9.42
N VAL D 60 -8.61 -22.05 -9.80
CA VAL D 60 -10.01 -22.32 -9.93
C VAL D 60 -10.45 -23.15 -8.74
N ASN D 61 -11.63 -22.85 -8.22
CA ASN D 61 -12.21 -23.59 -7.12
C ASN D 61 -13.67 -23.84 -7.46
N GLU D 62 -13.97 -25.10 -7.82
CA GLU D 62 -15.33 -25.50 -8.20
C GLU D 62 -16.24 -25.56 -6.97
N ILE D 63 -15.66 -25.83 -5.81
CA ILE D 63 -16.42 -25.85 -4.56
C ILE D 63 -16.98 -24.47 -4.20
N THR D 64 -16.15 -23.44 -4.25
CA THR D 64 -16.55 -22.10 -3.81
C THR D 64 -16.97 -21.20 -4.96
N ASN D 65 -16.86 -21.70 -6.18
CA ASN D 65 -17.19 -20.92 -7.37
C ASN D 65 -16.39 -19.61 -7.53
N GLU D 66 -15.07 -19.73 -7.51
CA GLU D 66 -14.18 -18.59 -7.61
C GLU D 66 -13.07 -18.83 -8.61
N VAL D 67 -12.76 -17.85 -9.44
CA VAL D 67 -11.62 -17.97 -10.36
C VAL D 67 -10.64 -16.80 -10.21
N ASP D 68 -9.39 -17.04 -10.63
CA ASP D 68 -8.35 -16.04 -10.65
C ASP D 68 -7.91 -15.78 -12.08
N VAL D 69 -8.20 -14.60 -12.60
CA VAL D 69 -7.90 -14.34 -14.00
C VAL D 69 -6.83 -13.25 -14.18
N VAL D 70 -6.00 -13.40 -15.20
CA VAL D 70 -5.15 -12.32 -15.67
C VAL D 70 -5.58 -11.96 -17.08
N PHE D 71 -5.87 -10.69 -17.31
CA PHE D 71 -6.37 -10.22 -18.60
C PHE D 71 -5.94 -8.78 -18.90
N TRP D 72 -5.85 -8.43 -20.18
CA TRP D 72 -5.67 -7.03 -20.58
C TRP D 72 -7.05 -6.42 -20.68
N GLN D 73 -7.22 -5.23 -20.11
CA GLN D 73 -8.50 -4.55 -20.17
C GLN D 73 -8.38 -3.37 -21.11
N GLN D 74 -8.53 -3.63 -22.40
CA GLN D 74 -8.35 -2.60 -23.41
C GLN D 74 -9.53 -1.62 -23.43
N THR D 75 -9.26 -0.36 -23.08
CA THR D 75 -10.31 0.66 -22.93
C THR D 75 -10.03 1.86 -23.84
N THR D 76 -11.04 2.29 -24.59
CA THR D 76 -10.84 3.31 -25.62
C THR D 76 -11.97 4.31 -25.65
N TRP D 77 -11.62 5.60 -25.71
CA TRP D 77 -12.62 6.66 -25.76
C TRP D 77 -12.04 7.92 -26.38
N SER D 78 -12.89 8.93 -26.55
CA SER D 78 -12.46 10.16 -27.19
C SER D 78 -12.53 11.36 -26.25
N ASP D 79 -11.46 12.16 -26.21
CA ASP D 79 -11.38 13.40 -25.43
C ASP D 79 -10.76 14.57 -26.25
N ARG D 80 -11.62 15.36 -26.88
CA ARG D 80 -11.17 16.45 -27.76
C ARG D 80 -10.33 17.51 -27.06
N THR D 81 -10.52 17.66 -25.75
CA THR D 81 -9.68 18.53 -24.92
C THR D 81 -8.18 18.25 -25.06
N LEU D 82 -7.82 17.03 -25.43
CA LEU D 82 -6.40 16.66 -25.54
C LEU D 82 -5.82 16.87 -26.92
N ALA D 83 -6.66 17.23 -27.90
CA ALA D 83 -6.22 17.26 -29.30
C ALA D 83 -5.21 18.39 -29.60
N TRP D 84 -4.38 18.18 -30.61
CA TRP D 84 -3.43 19.20 -31.07
C TRP D 84 -3.25 19.11 -32.59
N ASN D 85 -2.66 20.13 -33.19
CA ASN D 85 -2.34 20.13 -34.60
C ASN D 85 -1.10 19.33 -34.77
N SER D 86 -1.13 18.34 -35.64
CA SER D 86 -0.01 17.43 -35.76
C SER D 86 0.60 17.62 -37.09
N SER D 87 0.54 18.83 -37.58
CA SER D 87 0.99 19.13 -38.90
C SER D 87 2.46 18.88 -39.14
N HIS D 88 3.35 19.29 -38.27
CA HIS D 88 4.74 18.88 -38.37
C HIS D 88 5.18 18.53 -36.99
N SER D 89 4.60 17.49 -36.46
CA SER D 89 4.71 17.21 -35.07
C SER D 89 4.44 15.77 -34.88
N PRO D 90 4.73 15.30 -33.61
CA PRO D 90 4.29 13.94 -33.35
C PRO D 90 2.80 13.79 -33.39
N ASP D 91 2.31 12.62 -33.74
CA ASP D 91 0.87 12.35 -33.77
C ASP D 91 0.38 11.52 -32.56
N GLN D 92 1.30 11.21 -31.65
CA GLN D 92 0.99 10.42 -30.46
C GLN D 92 1.99 10.66 -29.31
N VAL D 93 1.50 10.54 -28.07
CA VAL D 93 2.34 10.60 -26.89
C VAL D 93 1.80 9.61 -25.83
N SER D 94 2.64 9.24 -24.86
CA SER D 94 2.18 8.45 -23.72
C SER D 94 2.01 9.36 -22.51
N VAL D 95 0.88 9.23 -21.82
CA VAL D 95 0.54 10.17 -20.75
C VAL D 95 0.20 9.40 -19.48
N PRO D 96 0.77 9.81 -18.34
CA PRO D 96 0.39 9.17 -17.08
C PRO D 96 -1.12 9.34 -16.84
N ILE D 97 -1.85 8.29 -16.47
CA ILE D 97 -3.29 8.38 -16.32
C ILE D 97 -3.74 9.39 -15.25
N SER D 98 -2.83 9.72 -14.35
CA SER D 98 -3.14 10.70 -13.33
C SER D 98 -3.42 12.10 -13.94
N SER D 99 -2.99 12.32 -15.17
CA SER D 99 -3.23 13.61 -15.84
C SER D 99 -4.36 13.59 -16.86
N LEU D 100 -5.21 12.55 -16.85
CA LEU D 100 -6.30 12.43 -17.80
C LEU D 100 -7.59 12.06 -17.10
N TRP D 101 -8.72 12.45 -17.70
CA TRP D 101 -9.96 11.83 -17.29
C TRP D 101 -9.95 10.38 -17.75
N VAL D 102 -10.48 9.49 -16.94
CA VAL D 102 -10.52 8.05 -17.20
C VAL D 102 -11.91 7.56 -16.77
N PRO D 103 -12.52 6.67 -17.55
CA PRO D 103 -13.84 6.15 -17.16
C PRO D 103 -13.78 5.29 -15.89
N ASP D 104 -14.80 5.44 -15.03
CA ASP D 104 -14.86 4.74 -13.74
C ASP D 104 -15.45 3.32 -13.82
N LEU D 105 -14.83 2.47 -14.64
CA LEU D 105 -15.29 1.10 -14.82
C LEU D 105 -15.00 0.21 -13.59
N ALA D 106 -15.87 -0.76 -13.35
CA ALA D 106 -15.69 -1.69 -12.25
C ALA D 106 -16.29 -3.03 -12.67
N ALA D 107 -15.75 -4.10 -12.11
CA ALA D 107 -16.29 -5.44 -12.33
C ALA D 107 -17.26 -5.77 -11.21
N TYR D 108 -18.53 -5.91 -11.57
CA TYR D 108 -19.58 -6.08 -10.58
C TYR D 108 -19.46 -7.36 -9.75
N ASN D 109 -18.86 -8.40 -10.33
CA ASN D 109 -18.72 -9.69 -9.60
C ASN D 109 -17.28 -9.99 -9.18
N ALA D 110 -16.46 -8.94 -9.09
CA ALA D 110 -15.11 -9.07 -8.59
C ALA D 110 -15.16 -9.23 -7.07
N ILE D 111 -14.27 -10.05 -6.51
CA ILE D 111 -14.24 -10.21 -5.06
C ILE D 111 -12.88 -9.82 -4.49
N SER D 112 -12.07 -9.16 -5.31
CA SER D 112 -10.83 -8.55 -4.87
C SER D 112 -10.62 -7.30 -5.71
N LYS D 113 -9.84 -6.34 -5.23
CA LYS D 113 -9.59 -5.15 -6.05
C LYS D 113 -8.64 -5.46 -7.21
N PRO D 114 -8.74 -4.71 -8.31
CA PRO D 114 -7.85 -5.02 -9.43
C PRO D 114 -6.39 -4.84 -9.00
N GLU D 115 -5.54 -5.80 -9.33
CA GLU D 115 -4.09 -5.64 -9.13
C GLU D 115 -3.46 -5.25 -10.48
N VAL D 116 -3.03 -4.00 -10.61
CA VAL D 116 -2.46 -3.54 -11.89
C VAL D 116 -0.98 -3.92 -12.11
N LEU D 117 -0.72 -4.78 -13.09
CA LEU D 117 0.60 -5.34 -13.28
C LEU D 117 1.55 -4.44 -14.09
N THR D 118 1.01 -3.52 -14.87
CA THR D 118 1.81 -2.78 -15.83
C THR D 118 1.91 -1.31 -15.45
N PRO D 119 2.86 -0.57 -16.07
CA PRO D 119 2.97 0.90 -15.95
C PRO D 119 1.62 1.57 -16.26
N GLN D 120 1.28 2.61 -15.51
CA GLN D 120 -0.04 3.21 -15.69
C GLN D 120 -0.05 4.40 -16.68
N LEU D 121 0.25 4.08 -17.94
CA LEU D 121 0.26 5.08 -19.02
C LEU D 121 -0.83 4.83 -20.04
N ALA D 122 -1.38 5.93 -20.57
CA ALA D 122 -2.37 5.86 -21.64
C ALA D 122 -1.76 6.38 -22.95
N HIS D 123 -2.24 5.85 -24.06
CA HIS D 123 -1.79 6.25 -25.39
C HIS D 123 -2.75 7.34 -25.89
N VAL D 124 -2.20 8.48 -26.33
CA VAL D 124 -3.03 9.58 -26.82
C VAL D 124 -2.61 9.96 -28.21
N VAL D 125 -3.58 10.01 -29.12
CA VAL D 125 -3.35 10.39 -30.52
C VAL D 125 -3.79 11.85 -30.70
N SER D 126 -3.16 12.58 -31.63
CA SER D 126 -3.45 14.00 -31.83
C SER D 126 -4.92 14.37 -32.03
N ASP D 127 -5.74 13.44 -32.52
CA ASP D 127 -7.17 13.75 -32.69
C ASP D 127 -7.95 13.76 -31.38
N GLY D 128 -7.36 13.22 -30.32
CA GLY D 128 -8.03 13.14 -29.04
C GLY D 128 -8.46 11.75 -28.63
N GLU D 129 -8.03 10.74 -29.39
CA GLU D 129 -8.33 9.35 -29.10
C GLU D 129 -7.40 8.77 -28.04
N VAL D 130 -7.98 8.17 -27.02
CA VAL D 130 -7.20 7.66 -25.91
C VAL D 130 -7.39 6.17 -25.83
N GLN D 131 -6.30 5.47 -25.57
CA GLN D 131 -6.38 4.05 -25.27
C GLN D 131 -5.58 3.69 -24.01
N TYR D 132 -6.26 3.04 -23.06
CA TYR D 132 -5.60 2.62 -21.83
C TYR D 132 -5.81 1.10 -21.65
N THR D 133 -4.70 0.34 -21.71
CA THR D 133 -4.74 -1.12 -21.69
C THR D 133 -3.84 -1.70 -20.59
N PRO D 134 -4.31 -1.65 -19.34
CA PRO D 134 -3.48 -2.24 -18.26
C PRO D 134 -3.61 -3.75 -18.23
N SER D 135 -2.58 -4.44 -17.78
CA SER D 135 -2.73 -5.86 -17.48
C SER D 135 -3.19 -6.05 -16.01
N ILE D 136 -4.27 -6.80 -15.81
CA ILE D 136 -4.87 -6.90 -14.49
C ILE D 136 -5.02 -8.34 -13.98
N ARG D 137 -4.58 -8.61 -12.76
CA ARG D 137 -4.93 -9.86 -12.09
C ARG D 137 -6.07 -9.64 -11.09
N GLN D 138 -7.17 -10.36 -11.24
CA GLN D 138 -8.34 -10.18 -10.36
C GLN D 138 -9.07 -11.49 -10.04
N ARG D 139 -9.65 -11.58 -8.86
CA ARG D 139 -10.47 -12.74 -8.47
C ARG D 139 -11.98 -12.47 -8.66
N PHE D 140 -12.70 -13.43 -9.24
CA PHE D 140 -14.14 -13.25 -9.51
C PHE D 140 -14.99 -14.35 -8.91
N SER D 141 -16.29 -14.06 -8.80
CA SER D 141 -17.28 -15.02 -8.36
C SER D 141 -18.18 -15.36 -9.56
N CYS D 142 -18.15 -16.61 -9.98
CA CYS D 142 -18.90 -17.01 -11.18
C CYS D 142 -19.14 -18.51 -11.22
N ASP D 143 -19.83 -18.97 -12.27
CA ASP D 143 -20.17 -20.39 -12.39
C ASP D 143 -18.99 -21.21 -12.92
N VAL D 144 -18.49 -22.12 -12.07
CA VAL D 144 -17.27 -22.88 -12.34
C VAL D 144 -17.58 -24.36 -12.64
N SER D 145 -18.81 -24.77 -12.34
CA SER D 145 -19.25 -26.15 -12.57
C SER D 145 -18.98 -26.64 -14.00
N GLY D 146 -18.39 -27.83 -14.10
CA GLY D 146 -18.11 -28.44 -15.38
C GLY D 146 -16.77 -28.02 -15.95
N VAL D 147 -15.92 -27.52 -15.08
CA VAL D 147 -14.61 -27.08 -15.51
C VAL D 147 -13.76 -28.29 -15.90
N ASP D 148 -14.07 -29.45 -15.31
CA ASP D 148 -13.32 -30.67 -15.57
C ASP D 148 -14.05 -31.61 -16.55
N THR D 149 -14.74 -31.01 -17.52
CA THR D 149 -15.66 -31.67 -18.43
C THR D 149 -15.29 -31.27 -19.86
N GLU D 150 -15.65 -32.07 -20.84
CA GLU D 150 -15.32 -31.74 -22.23
C GLU D 150 -15.99 -30.46 -22.73
N SER D 151 -17.15 -30.10 -22.17
CA SER D 151 -17.86 -28.90 -22.61
C SER D 151 -17.47 -27.64 -21.82
N GLY D 152 -16.78 -27.82 -20.69
CA GLY D 152 -16.23 -26.71 -19.93
C GLY D 152 -17.20 -25.90 -19.08
N ALA D 153 -16.63 -24.98 -18.28
CA ALA D 153 -17.43 -24.02 -17.50
C ALA D 153 -17.61 -22.72 -18.28
N THR D 154 -18.70 -22.01 -18.02
CA THR D 154 -18.86 -20.67 -18.58
C THR D 154 -18.99 -19.61 -17.50
N CYS D 155 -17.92 -18.84 -17.32
CA CYS D 155 -17.84 -17.77 -16.35
C CYS D 155 -18.16 -16.41 -17.02
N ARG D 156 -19.11 -15.64 -16.46
CA ARG D 156 -19.44 -14.31 -16.99
C ARG D 156 -18.85 -13.18 -16.13
N ILE D 157 -18.29 -12.16 -16.77
CA ILE D 157 -17.75 -11.01 -16.06
C ILE D 157 -18.49 -9.77 -16.51
N LYS D 158 -19.05 -9.03 -15.55
CA LYS D 158 -19.88 -7.86 -15.85
C LYS D 158 -19.14 -6.56 -15.53
N ILE D 159 -18.88 -5.77 -16.57
CA ILE D 159 -18.09 -4.55 -16.42
C ILE D 159 -18.86 -3.32 -16.87
N GLY D 160 -18.92 -2.29 -16.04
CA GLY D 160 -19.63 -1.06 -16.40
C GLY D 160 -19.22 0.16 -15.60
N SER D 161 -19.75 1.32 -15.97
CA SER D 161 -19.53 2.55 -15.19
C SER D 161 -20.16 2.45 -13.81
N TRP D 162 -19.45 2.90 -12.78
CA TRP D 162 -19.95 2.78 -11.42
C TRP D 162 -20.89 3.92 -11.02
N THR D 163 -20.63 5.12 -11.53
CA THR D 163 -21.39 6.30 -11.14
C THR D 163 -22.04 7.08 -12.27
N HIS D 164 -21.73 6.74 -13.52
CA HIS D 164 -22.31 7.46 -14.66
C HIS D 164 -23.37 6.66 -15.40
N HIS D 165 -24.57 7.22 -15.55
CA HIS D 165 -25.67 6.53 -16.24
C HIS D 165 -25.54 6.59 -17.77
N SER D 166 -26.51 6.02 -18.48
CA SER D 166 -26.39 5.76 -19.92
C SER D 166 -26.28 7.00 -20.81
N ARG D 167 -26.70 8.16 -20.30
CA ARG D 167 -26.64 9.38 -21.11
C ARG D 167 -25.31 10.11 -20.92
N GLU D 168 -24.52 9.63 -19.97
CA GLU D 168 -23.20 10.21 -19.69
C GLU D 168 -22.06 9.31 -20.19
N ILE D 169 -22.16 8.00 -19.91
CA ILE D 169 -21.21 7.03 -20.44
C ILE D 169 -21.98 5.86 -21.05
N SER D 170 -21.65 5.50 -22.29
CA SER D 170 -22.10 4.25 -22.88
C SER D 170 -20.93 3.29 -23.08
N VAL D 171 -21.08 2.05 -22.65
CA VAL D 171 -20.05 1.03 -22.89
C VAL D 171 -20.51 0.07 -23.99
N ASP D 172 -19.58 -0.28 -24.88
CA ASP D 172 -19.89 -1.15 -26.00
C ASP D 172 -18.73 -2.10 -26.22
N PRO D 173 -19.04 -3.33 -26.64
CA PRO D 173 -17.99 -4.31 -26.99
C PRO D 173 -17.31 -3.88 -28.28
N THR D 174 -16.11 -4.36 -28.51
CA THR D 174 -15.39 -3.96 -29.69
C THR D 174 -15.92 -4.64 -30.93
N THR D 175 -16.09 -3.88 -31.99
CA THR D 175 -16.67 -4.38 -33.22
C THR D 175 -15.84 -5.49 -33.82
N GLU D 176 -14.54 -5.35 -33.68
CA GLU D 176 -13.58 -6.17 -34.35
C GLU D 176 -13.68 -7.56 -33.81
N ASN D 177 -13.01 -8.47 -34.48
CA ASN D 177 -13.14 -9.88 -34.21
C ASN D 177 -11.84 -10.50 -33.76
N SER D 178 -11.87 -11.18 -32.61
CA SER D 178 -10.80 -12.03 -32.11
C SER D 178 -10.92 -12.28 -30.62
N ASP D 180 -9.34 -13.73 -27.34
CA ASP D 180 -9.40 -15.20 -27.30
C ASP D 180 -8.04 -15.77 -26.97
N SER D 181 -7.73 -16.94 -27.50
CA SER D 181 -6.47 -17.57 -27.13
C SER D 181 -5.25 -16.84 -27.70
N GLU D 182 -5.48 -15.71 -28.36
CA GLU D 182 -4.42 -15.05 -29.13
C GLU D 182 -3.21 -14.71 -28.27
N TYR D 183 -3.46 -14.28 -27.03
CA TYR D 183 -2.37 -14.01 -26.10
C TYR D 183 -2.43 -14.92 -24.87
N PHE D 184 -3.26 -15.96 -24.95
CA PHE D 184 -3.43 -16.86 -23.81
C PHE D 184 -2.22 -17.76 -23.62
N SER D 185 -1.85 -17.98 -22.37
CA SER D 185 -0.63 -18.70 -22.03
C SER D 185 -0.76 -20.19 -22.34
N GLN D 186 0.20 -20.72 -23.08
CA GLN D 186 0.25 -22.15 -23.36
C GLN D 186 0.55 -22.93 -22.09
N TYR D 187 1.09 -22.26 -21.07
CA TYR D 187 1.52 -22.96 -19.86
C TYR D 187 0.47 -23.00 -18.74
N SER D 188 -0.66 -22.33 -18.95
CA SER D 188 -1.79 -22.47 -18.04
C SER D 188 -2.26 -23.93 -17.94
N ARG D 189 -2.85 -24.30 -16.80
CA ARG D 189 -3.50 -25.60 -16.66
C ARG D 189 -4.83 -25.68 -17.40
N PHE D 190 -5.25 -24.55 -17.99
CA PHE D 190 -6.57 -24.46 -18.61
C PHE D 190 -6.47 -23.99 -20.04
N GLU D 191 -7.57 -24.15 -20.79
CA GLU D 191 -7.63 -23.70 -22.18
C GLU D 191 -8.96 -23.01 -22.48
N ILE D 192 -8.94 -22.06 -23.41
CA ILE D 192 -10.15 -21.32 -23.73
C ILE D 192 -10.85 -21.94 -24.92
N LEU D 193 -12.15 -22.19 -24.75
CA LEU D 193 -12.99 -22.81 -25.79
C LEU D 193 -13.67 -21.73 -26.62
N ASP D 194 -14.15 -20.69 -25.94
CA ASP D 194 -14.80 -19.58 -26.62
C ASP D 194 -14.97 -18.32 -25.72
N VAL D 195 -14.96 -17.15 -26.36
CA VAL D 195 -15.26 -15.89 -25.66
C VAL D 195 -16.34 -15.11 -26.40
N THR D 196 -17.47 -14.85 -25.73
CA THR D 196 -18.52 -14.01 -26.29
C THR D 196 -18.79 -12.75 -25.45
N GLN D 197 -19.26 -11.71 -26.11
CA GLN D 197 -19.51 -10.43 -25.46
C GLN D 197 -20.96 -10.01 -25.72
N LYS D 198 -21.64 -9.47 -24.72
CA LYS D 198 -22.91 -8.79 -25.03
C LYS D 198 -23.13 -7.56 -24.14
N LYS D 199 -23.97 -6.64 -24.61
CA LYS D 199 -24.21 -5.40 -23.88
C LYS D 199 -25.56 -5.41 -23.13
N ASN D 200 -25.55 -4.98 -21.87
CA ASN D 200 -26.78 -4.86 -21.08
C ASN D 200 -27.06 -3.42 -20.66
N SER D 201 -28.33 -3.13 -20.44
CA SER D 201 -28.77 -1.84 -19.94
C SER D 201 -29.70 -2.10 -18.75
N VAL D 202 -29.25 -1.76 -17.55
CA VAL D 202 -29.91 -2.18 -16.30
C VAL D 202 -30.43 -0.99 -15.50
N THR D 203 -31.61 -1.12 -14.92
CA THR D 203 -32.10 -0.09 -14.01
C THR D 203 -32.04 -0.58 -12.57
N TYR D 204 -31.32 0.15 -11.72
CA TYR D 204 -31.18 -0.22 -10.32
C TYR D 204 -32.23 0.45 -9.43
N SER D 205 -32.41 -0.12 -8.24
CA SER D 205 -33.47 0.31 -7.32
C SER D 205 -33.26 1.72 -6.80
N CYS D 206 -32.05 2.22 -6.92
CA CYS D 206 -31.72 3.53 -6.39
C CYS D 206 -32.18 4.71 -7.29
N CYS D 207 -32.04 4.59 -8.62
CA CYS D 207 -32.22 5.72 -9.55
C CYS D 207 -33.08 5.34 -10.76
N PRO D 208 -33.72 6.35 -11.40
CA PRO D 208 -34.61 6.12 -12.56
C PRO D 208 -33.86 6.02 -13.88
N GLU D 209 -32.54 6.21 -13.81
CA GLU D 209 -31.68 6.19 -14.99
C GLU D 209 -31.14 4.78 -15.25
N ALA D 210 -30.74 4.49 -16.50
CA ALA D 210 -30.20 3.17 -16.84
C ALA D 210 -28.70 3.23 -16.82
N TYR D 211 -28.08 2.12 -16.41
CA TYR D 211 -26.62 2.02 -16.40
C TYR D 211 -26.18 0.92 -17.35
N GLU D 212 -25.37 1.28 -18.36
CA GLU D 212 -24.85 0.27 -19.29
C GLU D 212 -23.68 -0.53 -18.74
N ASP D 213 -23.63 -1.81 -19.12
CA ASP D 213 -22.46 -2.66 -18.86
C ASP D 213 -22.21 -3.64 -20.00
N VAL D 214 -21.03 -4.22 -20.00
CA VAL D 214 -20.71 -5.29 -20.93
C VAL D 214 -20.54 -6.56 -20.12
N GLU D 215 -21.11 -7.64 -20.65
CA GLU D 215 -21.00 -8.96 -20.05
C GLU D 215 -20.12 -9.84 -20.94
N VAL D 216 -19.01 -10.34 -20.39
CA VAL D 216 -18.06 -11.13 -21.18
C VAL D 216 -18.12 -12.57 -20.73
N SER D 217 -18.54 -13.46 -21.63
CA SER D 217 -18.67 -14.89 -21.29
C SER D 217 -17.44 -15.70 -21.69
N LEU D 218 -16.80 -16.31 -20.70
CA LEU D 218 -15.56 -17.02 -20.92
C LEU D 218 -15.78 -18.52 -20.76
N ASN D 219 -15.75 -19.24 -21.87
CA ASN D 219 -15.92 -20.68 -21.83
C ASN D 219 -14.55 -21.37 -21.83
N PHE D 220 -14.26 -22.11 -20.77
CA PHE D 220 -12.92 -22.70 -20.59
C PHE D 220 -13.01 -24.01 -19.84
N ARG D 221 -11.98 -24.85 -19.95
CA ARG D 221 -11.89 -26.12 -19.21
C ARG D 221 -10.47 -26.47 -18.85
N LYS D 222 -10.34 -27.46 -17.97
CA LYS D 222 -9.02 -28.02 -17.62
C LYS D 222 -8.47 -28.90 -18.73
N LYS D 223 -7.17 -28.81 -18.99
CA LYS D 223 -6.53 -29.58 -20.05
C LYS D 223 -6.41 -31.07 -19.65
N GLY D 224 -6.35 -31.96 -20.63
CA GLY D 224 -6.20 -33.37 -20.34
C GLY D 224 -4.75 -33.81 -20.26
N LEU E 20 -23.56 27.61 -16.45
CA LEU E 20 -22.64 26.68 -15.82
C LEU E 20 -22.60 25.36 -16.57
N ASP E 21 -21.39 24.90 -16.88
CA ASP E 21 -21.21 23.54 -17.38
C ASP E 21 -20.53 22.67 -16.32
N ARG E 22 -20.33 21.39 -16.62
CA ARG E 22 -19.69 20.49 -15.66
C ARG E 22 -18.31 20.97 -15.24
N ALA E 23 -17.54 21.48 -16.20
CA ALA E 23 -16.19 21.95 -15.93
C ALA E 23 -16.20 23.04 -14.86
N ASP E 24 -17.13 23.99 -15.00
CA ASP E 24 -17.28 25.09 -14.06
C ASP E 24 -17.67 24.63 -12.64
N ILE E 25 -18.66 23.74 -12.55
CA ILE E 25 -19.11 23.20 -11.26
C ILE E 25 -18.02 22.45 -10.49
N LEU E 26 -17.36 21.52 -11.17
CA LEU E 26 -16.28 20.76 -10.55
C LEU E 26 -15.15 21.68 -10.12
N TYR E 27 -14.90 22.73 -10.90
CA TYR E 27 -13.90 23.73 -10.55
C TYR E 27 -14.26 24.41 -9.23
N ASN E 28 -15.45 25.00 -9.17
CA ASN E 28 -15.92 25.60 -7.92
C ASN E 28 -15.85 24.66 -6.72
N ILE E 29 -16.26 23.41 -6.93
CA ILE E 29 -16.22 22.43 -5.85
C ILE E 29 -14.81 22.15 -5.35
N ARG E 30 -13.87 21.99 -6.28
CA ARG E 30 -12.48 21.81 -5.92
C ARG E 30 -11.91 22.97 -5.08
N GLN E 31 -12.32 24.20 -5.41
CA GLN E 31 -11.80 25.40 -4.75
C GLN E 31 -12.41 25.76 -3.38
N THR E 32 -13.64 25.42 -3.13
CA THR E 32 -14.34 25.96 -2.00
C THR E 32 -14.88 24.93 -1.08
N SER E 33 -14.60 23.67 -1.35
CA SER E 33 -15.26 22.54 -0.73
C SER E 33 -15.11 22.30 0.78
N ARG E 34 -13.90 22.43 1.32
CA ARG E 34 -13.66 22.11 2.71
C ARG E 34 -13.89 20.66 3.15
N PRO E 35 -12.98 19.74 2.69
CA PRO E 35 -13.25 18.34 3.01
C PRO E 35 -13.20 17.78 4.42
N ASP E 36 -12.61 18.51 5.36
CA ASP E 36 -12.29 18.60 6.77
CA ASP E 36 -12.35 18.77 6.82
C ASP E 36 -13.46 19.24 7.81
N VAL E 37 -14.31 19.92 7.05
CA VAL E 37 -15.37 20.60 7.80
C VAL E 37 -16.72 19.94 7.67
N ILE E 38 -17.24 19.41 8.78
CA ILE E 38 -18.56 18.79 8.82
C ILE E 38 -19.67 19.84 8.49
N PRO E 39 -20.57 19.49 7.56
CA PRO E 39 -21.57 20.45 7.08
C PRO E 39 -22.82 20.52 7.99
N THR E 40 -22.61 20.93 9.24
CA THR E 40 -23.73 21.08 10.16
C THR E 40 -24.52 22.30 9.78
N GLN E 41 -25.82 22.25 9.98
CA GLN E 41 -26.65 23.39 9.74
C GLN E 41 -27.23 23.77 11.05
N ARG E 42 -26.78 24.87 11.60
CA ARG E 42 -27.43 25.43 12.77
C ARG E 42 -27.53 24.53 13.98
N ASP E 43 -26.47 23.84 14.30
CA ASP E 43 -26.44 23.05 15.51
C ASP E 43 -27.36 21.84 15.42
N ARG E 44 -27.64 21.43 14.21
CA ARG E 44 -28.41 20.26 13.97
C ARG E 44 -27.46 19.26 13.45
N PRO E 45 -27.77 17.94 13.70
CA PRO E 45 -26.79 16.97 13.22
C PRO E 45 -26.79 16.86 11.74
N VAL E 46 -25.78 16.25 11.14
CA VAL E 46 -25.90 15.91 9.74
C VAL E 46 -26.59 14.58 9.75
N ALA E 47 -27.71 14.47 9.03
CA ALA E 47 -28.39 13.18 8.96
C ALA E 47 -27.78 12.28 7.87
N VAL E 48 -27.11 11.23 8.30
CA VAL E 48 -26.53 10.26 7.38
C VAL E 48 -27.42 9.01 7.31
N SER E 49 -27.78 8.59 6.10
CA SER E 49 -28.48 7.33 5.92
C SER E 49 -27.51 6.27 5.46
N VAL E 50 -27.62 5.07 6.03
CA VAL E 50 -26.75 3.96 5.69
C VAL E 50 -27.56 2.76 5.29
N SER E 51 -27.18 2.11 4.20
CA SER E 51 -27.88 0.90 3.75
C SER E 51 -26.87 -0.11 3.17
N LEU E 52 -26.89 -1.34 3.67
CA LEU E 52 -26.04 -2.39 3.08
C LEU E 52 -26.77 -3.29 2.06
N LYS E 53 -26.20 -3.42 0.87
CA LYS E 53 -26.72 -4.35 -0.11
C LYS E 53 -25.71 -5.51 -0.19
N PHE E 54 -26.13 -6.70 0.24
CA PHE E 54 -25.20 -7.80 0.23
C PHE E 54 -25.01 -8.36 -1.17
N ILE E 55 -23.77 -8.63 -1.51
CA ILE E 55 -23.43 -9.13 -2.83
C ILE E 55 -22.91 -10.57 -2.76
N ASN E 56 -22.14 -10.88 -1.72
CA ASN E 56 -21.58 -12.23 -1.60
C ASN E 56 -21.19 -12.58 -0.17
N ILE E 57 -21.21 -13.88 0.13
CA ILE E 57 -20.66 -14.39 1.38
C ILE E 57 -19.61 -15.43 1.03
N LEU E 58 -18.40 -15.28 1.57
CA LEU E 58 -17.25 -15.90 0.93
C LEU E 58 -16.58 -16.95 1.74
N GLU E 59 -16.25 -16.64 2.99
CA GLU E 59 -15.47 -17.58 3.79
C GLU E 59 -15.99 -17.62 5.18
N VAL E 60 -16.75 -18.67 5.47
CA VAL E 60 -17.35 -18.79 6.77
C VAL E 60 -16.55 -19.77 7.59
N ASN E 61 -16.33 -19.44 8.86
CA ASN E 61 -15.69 -20.35 9.79
C ASN E 61 -16.53 -20.42 11.07
N GLU E 62 -17.24 -21.55 11.25
CA GLU E 62 -18.09 -21.72 12.43
C GLU E 62 -17.25 -21.92 13.70
N ILE E 63 -16.05 -22.48 13.54
CA ILE E 63 -15.15 -22.70 14.68
C ILE E 63 -14.67 -21.39 15.32
N THR E 64 -14.25 -20.43 14.47
CA THR E 64 -13.67 -19.17 14.95
C THR E 64 -14.64 -18.03 14.96
N ASN E 65 -15.86 -18.28 14.48
CA ASN E 65 -16.87 -17.23 14.37
C ASN E 65 -16.46 -15.99 13.54
N GLU E 66 -16.08 -16.22 12.28
CA GLU E 66 -15.64 -15.18 11.39
C GLU E 66 -16.29 -15.36 10.01
N VAL E 67 -16.71 -14.25 9.40
CA VAL E 67 -17.25 -14.28 8.04
C VAL E 67 -16.57 -13.28 7.13
N ASP E 68 -16.64 -13.55 5.83
CA ASP E 68 -16.08 -12.68 4.81
C ASP E 68 -17.22 -12.20 3.93
N VAL E 69 -17.53 -10.92 3.99
CA VAL E 69 -18.67 -10.40 3.26
C VAL E 69 -18.27 -9.38 2.18
N VAL E 70 -18.97 -9.43 1.05
CA VAL E 70 -18.90 -8.37 0.06
C VAL E 70 -20.26 -7.69 0.03
N PHE E 71 -20.27 -6.36 0.19
CA PHE E 71 -21.52 -5.60 0.20
C PHE E 71 -21.33 -4.17 -0.32
N TRP E 72 -22.39 -3.55 -0.84
CA TRP E 72 -22.38 -2.13 -1.19
C TRP E 72 -22.78 -1.35 0.05
N GLN E 73 -22.03 -0.31 0.36
CA GLN E 73 -22.34 0.49 1.55
C GLN E 73 -22.94 1.83 1.14
N GLN E 74 -24.23 1.84 0.87
CA GLN E 74 -24.85 3.02 0.32
C GLN E 74 -25.03 4.09 1.40
N THR E 75 -24.32 5.21 1.22
CA THR E 75 -24.27 6.27 2.23
C THR E 75 -24.80 7.58 1.64
N THR E 76 -25.71 8.24 2.36
CA THR E 76 -26.37 9.44 1.82
C THR E 76 -26.52 10.58 2.84
N TRP E 77 -26.16 11.79 2.45
CA TRP E 77 -26.27 12.95 3.34
C TRP E 77 -26.39 14.24 2.57
N SER E 78 -26.55 15.34 3.30
CA SER E 78 -26.74 16.61 2.64
C SER E 78 -25.63 17.60 2.97
N ASP E 79 -25.13 18.29 1.94
CA ASP E 79 -24.08 19.30 2.09
C ASP E 79 -24.35 20.53 1.22
N ARG E 80 -25.00 21.54 1.81
CA ARG E 80 -25.45 22.73 1.06
C ARG E 80 -24.31 23.54 0.48
N THR E 81 -23.12 23.42 1.06
CA THR E 81 -21.91 24.03 0.52
C THR E 81 -21.66 23.67 -0.96
N LEU E 82 -22.17 22.51 -1.40
CA LEU E 82 -21.90 22.02 -2.74
C LEU E 82 -22.94 22.49 -3.75
N ALA E 83 -24.01 23.10 -3.28
CA ALA E 83 -25.16 23.36 -4.13
C ALA E 83 -24.88 24.39 -5.22
N TRP E 84 -25.62 24.29 -6.32
CA TRP E 84 -25.53 25.30 -7.38
C TRP E 84 -26.92 25.56 -8.03
N ASN E 85 -27.03 26.63 -8.80
CA ASN E 85 -28.26 26.90 -9.56
C ASN E 85 -28.29 26.01 -10.82
N SER E 86 -29.21 25.05 -10.87
CA SER E 86 -29.25 24.10 -12.01
C SER E 86 -30.21 24.53 -13.13
N SER E 87 -30.45 25.83 -13.23
CA SER E 87 -31.39 26.38 -14.21
C SER E 87 -31.14 25.92 -15.65
N HIS E 88 -30.01 26.31 -16.23
CA HIS E 88 -29.65 25.83 -17.56
C HIS E 88 -28.33 25.08 -17.47
N SER E 89 -28.27 24.16 -16.50
CA SER E 89 -27.03 23.53 -16.09
C SER E 89 -27.28 22.08 -15.78
N PRO E 90 -26.20 21.29 -15.73
CA PRO E 90 -26.34 19.90 -15.27
C PRO E 90 -26.88 19.88 -13.83
N ASP E 91 -27.67 18.88 -13.50
CA ASP E 91 -28.23 18.79 -12.15
C ASP E 91 -27.45 17.78 -11.28
N GLN E 92 -26.41 17.19 -11.86
CA GLN E 92 -25.57 16.23 -11.15
C GLN E 92 -24.13 16.15 -11.71
N VAL E 93 -23.18 15.79 -10.85
CA VAL E 93 -21.81 15.55 -11.25
C VAL E 93 -21.22 14.44 -10.38
N SER E 94 -20.12 13.83 -10.85
CA SER E 94 -19.38 12.85 -10.06
C SER E 94 -18.12 13.51 -9.54
N VAL E 95 -17.85 13.31 -8.25
CA VAL E 95 -16.76 14.04 -7.59
C VAL E 95 -15.87 13.05 -6.84
N PRO E 96 -14.55 13.16 -7.03
CA PRO E 96 -13.66 12.30 -6.24
C PRO E 96 -13.85 12.58 -4.75
N ILE E 97 -13.98 11.55 -3.91
CA ILE E 97 -14.28 11.76 -2.49
C ILE E 97 -13.19 12.53 -1.75
N SER E 98 -11.99 12.57 -2.32
CA SER E 98 -10.95 13.38 -1.72
C SER E 98 -11.29 14.88 -1.69
N SER E 99 -12.23 15.32 -2.53
CA SER E 99 -12.63 16.73 -2.54
C SER E 99 -13.94 17.02 -1.80
N LEU E 100 -14.38 16.15 -0.92
CA LEU E 100 -15.65 16.31 -0.22
C LEU E 100 -15.52 15.92 1.22
N TRP E 101 -16.33 16.52 2.09
CA TRP E 101 -16.45 15.95 3.42
C TRP E 101 -17.19 14.64 3.29
N VAL E 102 -16.78 13.67 4.10
CA VAL E 102 -17.37 12.33 4.09
C VAL E 102 -17.50 11.89 5.55
N PRO E 103 -18.63 11.26 5.91
CA PRO E 103 -18.80 10.78 7.30
C PRO E 103 -17.77 9.68 7.68
N ASP E 104 -17.28 9.72 8.92
CA ASP E 104 -16.25 8.78 9.41
C ASP E 104 -16.85 7.49 9.98
N LEU E 105 -17.59 6.78 9.14
CA LEU E 105 -18.23 5.54 9.56
C LEU E 105 -17.20 4.41 9.68
N ALA E 106 -17.42 3.52 10.64
CA ALA E 106 -16.59 2.32 10.82
C ALA E 106 -17.45 1.17 11.29
N ALA E 107 -17.03 -0.05 10.95
CA ALA E 107 -17.69 -1.25 11.44
C ALA E 107 -17.02 -1.72 12.77
N TYR E 108 -17.78 -1.65 13.87
CA TYR E 108 -17.23 -1.92 15.19
C TYR E 108 -16.72 -3.35 15.35
N ASN E 109 -17.31 -4.30 14.65
CA ASN E 109 -16.88 -5.69 14.78
C ASN E 109 -16.14 -6.20 13.54
N ALA E 110 -15.55 -5.27 12.79
CA ALA E 110 -14.69 -5.65 11.67
C ALA E 110 -13.33 -6.12 12.23
N ILE E 111 -12.69 -7.06 11.56
CA ILE E 111 -11.39 -7.53 12.04
C ILE E 111 -10.34 -7.36 10.96
N SER E 112 -10.69 -6.62 9.92
CA SER E 112 -9.77 -6.29 8.84
C SER E 112 -10.21 -4.92 8.34
N LYS E 113 -9.32 -4.19 7.70
CA LYS E 113 -9.75 -2.90 7.16
C LYS E 113 -10.59 -3.06 5.89
N PRO E 114 -11.47 -2.09 5.61
CA PRO E 114 -12.31 -2.24 4.41
C PRO E 114 -11.43 -2.27 3.16
N GLU E 115 -11.69 -3.23 2.28
CA GLU E 115 -11.02 -3.27 0.97
C GLU E 115 -12.00 -2.70 -0.04
N VAL E 116 -11.71 -1.50 -0.55
CA VAL E 116 -12.64 -0.84 -1.48
C VAL E 116 -12.45 -1.31 -2.92
N LEU E 117 -13.47 -1.95 -3.48
CA LEU E 117 -13.36 -2.60 -4.79
C LEU E 117 -13.59 -1.67 -5.97
N THR E 118 -14.30 -0.57 -5.75
CA THR E 118 -14.79 0.29 -6.83
C THR E 118 -14.11 1.63 -6.84
N PRO E 119 -14.22 2.38 -7.96
CA PRO E 119 -13.72 3.77 -8.05
C PRO E 119 -14.23 4.62 -6.90
N GLN E 120 -13.41 5.50 -6.34
CA GLN E 120 -13.86 6.27 -5.18
C GLN E 120 -14.51 7.63 -5.52
N LEU E 121 -15.64 7.56 -6.23
CA LEU E 121 -16.40 8.74 -6.63
C LEU E 121 -17.74 8.83 -5.91
N ALA E 122 -18.17 10.06 -5.63
CA ALA E 122 -19.49 10.31 -5.02
C ALA E 122 -20.38 11.00 -6.03
N HIS E 123 -21.68 10.79 -5.89
CA HIS E 123 -22.67 11.40 -6.76
C HIS E 123 -23.19 12.66 -6.06
N VAL E 124 -23.17 13.80 -6.75
CA VAL E 124 -23.63 15.05 -6.17
C VAL E 124 -24.72 15.67 -7.04
N VAL E 125 -25.83 16.00 -6.41
CA VAL E 125 -26.97 16.61 -7.08
C VAL E 125 -26.97 18.10 -6.76
N SER E 126 -27.49 18.94 -7.66
CA SER E 126 -27.40 20.40 -7.49
C SER E 126 -27.95 20.95 -6.17
N ASP E 127 -28.87 20.23 -5.53
CA ASP E 127 -29.39 20.70 -4.24
C ASP E 127 -28.40 20.53 -3.07
N GLY E 128 -27.36 19.72 -3.27
CA GLY E 128 -26.39 19.45 -2.23
C GLY E 128 -26.46 18.04 -1.68
N GLU E 129 -27.27 17.19 -2.32
CA GLU E 129 -27.40 15.80 -1.88
C GLU E 129 -26.26 14.94 -2.38
N VAL E 130 -25.63 14.22 -1.48
CA VAL E 130 -24.47 13.41 -1.82
C VAL E 130 -24.80 11.96 -1.57
N GLN E 131 -24.40 11.10 -2.52
CA GLN E 131 -24.49 9.67 -2.31
C GLN E 131 -23.17 8.99 -2.67
N TYR E 132 -22.64 8.22 -1.73
CA TYR E 132 -21.39 7.49 -1.94
C TYR E 132 -21.65 6.00 -1.62
N THR E 133 -21.51 5.15 -2.64
CA THR E 133 -21.85 3.74 -2.54
C THR E 133 -20.69 2.86 -3.02
N PRO E 134 -19.65 2.71 -2.18
CA PRO E 134 -18.54 1.83 -2.60
C PRO E 134 -18.89 0.36 -2.39
N SER E 135 -18.32 -0.51 -3.23
CA SER E 135 -18.40 -1.94 -2.94
C SER E 135 -17.21 -2.33 -2.06
N ILE E 136 -17.51 -3.04 -0.97
CA ILE E 136 -16.50 -3.36 0.03
C ILE E 136 -16.43 -4.87 0.36
N ARG E 137 -15.23 -5.41 0.36
CA ARG E 137 -15.01 -6.73 0.94
C ARG E 137 -14.36 -6.57 2.33
N GLN E 138 -14.97 -7.16 3.36
CA GLN E 138 -14.47 -7.03 4.75
C GLN E 138 -14.73 -8.28 5.60
N ARG E 139 -13.82 -8.55 6.53
CA ARG E 139 -13.95 -9.70 7.40
C ARG E 139 -14.52 -9.30 8.79
N PHE E 140 -15.52 -10.03 9.30
CA PHE E 140 -16.16 -9.67 10.57
C PHE E 140 -16.13 -10.78 11.61
N SER E 141 -16.38 -10.38 12.85
CA SER E 141 -16.48 -11.33 13.96
C SER E 141 -17.93 -11.30 14.42
N CYS E 142 -18.61 -12.43 14.29
CA CYS E 142 -20.03 -12.52 14.63
C CYS E 142 -20.47 -13.96 14.88
N ASP E 143 -21.75 -14.12 15.22
CA ASP E 143 -22.31 -15.44 15.55
C ASP E 143 -22.61 -16.23 14.27
N VAL E 144 -21.91 -17.34 14.11
CA VAL E 144 -21.96 -18.14 12.89
C VAL E 144 -22.67 -19.49 13.12
N SER E 145 -22.90 -19.81 14.40
CA SER E 145 -23.53 -21.07 14.77
C SER E 145 -24.86 -21.28 14.06
N GLY E 146 -25.05 -22.48 13.53
CA GLY E 146 -26.29 -22.85 12.88
C GLY E 146 -26.28 -22.50 11.40
N VAL E 147 -25.09 -22.26 10.86
CA VAL E 147 -24.99 -21.87 9.46
C VAL E 147 -25.38 -23.05 8.56
N ASP E 148 -25.17 -24.25 9.07
CA ASP E 148 -25.48 -25.47 8.30
C ASP E 148 -26.82 -26.10 8.72
N THR E 149 -27.78 -25.23 9.04
CA THR E 149 -29.06 -25.60 9.65
C THR E 149 -30.17 -24.95 8.82
N GLU E 150 -31.38 -25.48 8.89
CA GLU E 150 -32.48 -24.94 8.11
C GLU E 150 -32.87 -23.51 8.53
N SER E 151 -32.62 -23.16 9.80
CA SER E 151 -32.97 -21.83 10.32
C SER E 151 -31.85 -20.78 10.18
N GLY E 152 -30.63 -21.25 9.90
CA GLY E 152 -29.52 -20.38 9.54
C GLY E 152 -28.81 -19.70 10.72
N ALA E 153 -27.71 -19.03 10.42
CA ALA E 153 -27.02 -18.18 11.40
C ALA E 153 -27.50 -16.74 11.29
N THR E 154 -27.44 -15.98 12.38
CA THR E 154 -27.71 -14.55 12.31
C THR E 154 -26.50 -13.73 12.76
N CYS E 155 -25.85 -13.12 11.78
CA CYS E 155 -24.68 -12.27 12.01
C CYS E 155 -25.08 -10.78 12.06
N ARG E 156 -24.67 -10.06 13.10
CA ARG E 156 -24.96 -8.62 13.21
C ARG E 156 -23.73 -7.74 12.91
N ILE E 157 -23.94 -6.67 12.14
CA ILE E 157 -22.86 -5.76 11.83
C ILE E 157 -23.24 -4.39 12.34
N LYS E 158 -22.35 -3.81 13.15
CA LYS E 158 -22.62 -2.53 13.79
C LYS E 158 -21.78 -1.41 13.14
N ILE E 159 -22.46 -0.43 12.56
CA ILE E 159 -21.79 0.64 11.84
C ILE E 159 -22.20 2.01 12.40
N GLY E 160 -21.22 2.84 12.72
CA GLY E 160 -21.50 4.18 13.20
C GLY E 160 -20.35 5.16 13.01
N SER E 161 -20.58 6.43 13.37
CA SER E 161 -19.52 7.43 13.38
C SER E 161 -18.47 7.14 14.45
N TRP E 162 -17.21 7.26 14.09
CA TRP E 162 -16.11 6.93 15.01
C TRP E 162 -15.76 8.03 16.00
N THR E 163 -15.90 9.29 15.56
CA THR E 163 -15.52 10.44 16.37
C THR E 163 -16.61 11.48 16.60
N HIS E 164 -17.74 11.36 15.93
CA HIS E 164 -18.78 12.37 16.09
C HIS E 164 -19.99 11.85 16.89
N HIS E 165 -20.38 12.57 17.95
CA HIS E 165 -21.51 12.14 18.76
C HIS E 165 -22.87 12.50 18.13
N SER E 166 -23.95 12.20 18.85
CA SER E 166 -25.31 12.22 18.29
C SER E 166 -25.84 13.59 17.89
N ARG E 167 -25.21 14.66 18.39
CA ARG E 167 -25.63 16.03 18.04
C ARG E 167 -24.86 16.56 16.84
N GLU E 168 -23.87 15.80 16.40
CA GLU E 168 -23.08 16.16 15.23
C GLU E 168 -23.41 15.27 14.01
N ILE E 169 -23.46 13.96 14.22
CA ILE E 169 -23.89 13.04 13.17
C ILE E 169 -24.94 12.11 13.74
N SER E 170 -26.08 12.01 13.06
CA SER E 170 -27.04 10.94 13.33
C SER E 170 -27.10 9.93 12.18
N VAL E 171 -27.03 8.64 12.49
CA VAL E 171 -27.17 7.60 11.47
C VAL E 171 -28.53 6.95 11.58
N ASP E 172 -29.14 6.68 10.44
CA ASP E 172 -30.48 6.11 10.37
C ASP E 172 -30.54 5.10 9.23
N PRO E 173 -31.31 4.00 9.42
CA PRO E 173 -31.55 3.02 8.35
C PRO E 173 -32.46 3.62 7.29
N THR E 174 -32.39 3.08 6.07
CA THR E 174 -33.14 3.63 4.94
C THR E 174 -34.59 3.16 4.93
N SER E 178 -37.36 -3.30 1.02
CA SER E 178 -36.30 -3.77 0.13
C SER E 178 -36.43 -5.25 -0.22
N ASP E 179 -35.43 -5.77 -0.94
CA ASP E 179 -35.27 -7.22 -1.13
C ASP E 179 -33.81 -7.62 -0.89
N ASP E 180 -33.59 -8.45 0.14
CA ASP E 180 -32.23 -8.80 0.64
C ASP E 180 -31.30 -9.23 -0.47
N SER E 181 -31.81 -10.19 -1.23
CA SER E 181 -31.07 -10.97 -2.24
C SER E 181 -31.07 -10.28 -3.60
N GLU E 182 -31.52 -9.02 -3.64
CA GLU E 182 -31.74 -8.35 -4.91
C GLU E 182 -30.50 -8.33 -5.78
N TYR E 183 -29.34 -8.11 -5.16
CA TYR E 183 -28.06 -8.14 -5.88
C TYR E 183 -27.16 -9.27 -5.41
N PHE E 184 -27.72 -10.20 -4.63
CA PHE E 184 -26.92 -11.27 -4.06
C PHE E 184 -26.57 -12.29 -5.13
N SER E 185 -25.34 -12.78 -5.06
CA SER E 185 -24.82 -13.69 -6.08
C SER E 185 -25.50 -15.06 -6.03
N GLN E 186 -25.99 -15.52 -7.17
CA GLN E 186 -26.56 -16.87 -7.26
C GLN E 186 -25.47 -17.94 -7.14
N TYR E 187 -24.21 -17.56 -7.32
CA TYR E 187 -23.12 -18.55 -7.32
C TYR E 187 -22.46 -18.74 -5.95
N SER E 188 -22.87 -17.94 -4.97
CA SER E 188 -22.39 -18.11 -3.59
C SER E 188 -22.74 -19.50 -3.08
N ARG E 189 -21.96 -20.02 -2.13
CA ARG E 189 -22.32 -21.27 -1.45
C ARG E 189 -23.42 -21.05 -0.41
N PHE E 190 -23.86 -19.80 -0.26
CA PHE E 190 -24.81 -19.47 0.78
C PHE E 190 -26.02 -18.73 0.23
N GLU E 191 -27.08 -18.65 1.03
CA GLU E 191 -28.25 -17.89 0.63
C GLU E 191 -28.77 -17.03 1.78
N ILE E 192 -29.39 -15.90 1.44
CA ILE E 192 -29.93 -14.97 2.44
C ILE E 192 -31.39 -15.28 2.76
N LEU E 193 -31.69 -15.46 4.04
CA LEU E 193 -33.05 -15.74 4.49
C LEU E 193 -33.75 -14.44 4.83
N ASP E 194 -33.04 -13.52 5.48
CA ASP E 194 -33.62 -12.23 5.84
C ASP E 194 -32.57 -11.18 6.24
N VAL E 195 -32.90 -9.91 6.00
CA VAL E 195 -32.07 -8.81 6.47
C VAL E 195 -32.87 -7.75 7.23
N THR E 196 -32.55 -7.53 8.51
CA THR E 196 -33.23 -6.51 9.31
C THR E 196 -32.24 -5.43 9.77
N GLN E 197 -32.76 -4.22 10.01
CA GLN E 197 -31.95 -3.07 10.43
C GLN E 197 -32.54 -2.45 11.68
N LYS E 198 -31.70 -2.06 12.63
CA LYS E 198 -32.23 -1.26 13.73
C LYS E 198 -31.19 -0.21 14.18
N LYS E 199 -31.66 0.86 14.82
CA LYS E 199 -30.78 1.94 15.26
C LYS E 199 -30.49 1.90 16.78
N ASN E 200 -29.21 2.02 17.14
CA ASN E 200 -28.82 2.12 18.55
C ASN E 200 -28.18 3.44 18.92
N SER E 201 -28.29 3.81 20.19
CA SER E 201 -27.66 5.01 20.71
C SER E 201 -26.94 4.62 21.97
N VAL E 202 -25.62 4.64 21.91
CA VAL E 202 -24.77 4.08 22.97
C VAL E 202 -23.93 5.14 23.70
N THR E 203 -23.86 5.05 25.03
CA THR E 203 -22.94 5.90 25.77
C THR E 203 -21.70 5.12 26.25
N TYR E 204 -20.52 5.54 25.78
CA TYR E 204 -19.26 4.86 26.10
C TYR E 204 -18.65 5.43 27.38
N SER E 205 -17.71 4.67 27.95
CA SER E 205 -17.06 5.01 29.23
C SER E 205 -16.17 6.26 29.15
N CYS E 206 -15.82 6.66 27.94
CA CYS E 206 -14.95 7.81 27.68
CA CYS E 206 -14.94 7.78 27.69
C CYS E 206 -15.65 9.16 27.84
N CYS E 207 -16.84 9.30 27.28
CA CYS E 207 -17.52 10.60 27.15
C CYS E 207 -19.01 10.58 27.60
N PRO E 208 -19.55 11.74 28.01
CA PRO E 208 -20.95 11.85 28.46
C PRO E 208 -21.98 11.95 27.31
N GLU E 209 -21.48 11.99 26.07
CA GLU E 209 -22.32 12.14 24.89
C GLU E 209 -22.72 10.78 24.34
N ALA E 210 -23.82 10.74 23.59
CA ALA E 210 -24.26 9.49 22.96
C ALA E 210 -23.75 9.36 21.52
N TYR E 211 -23.41 8.14 21.13
CA TYR E 211 -22.98 7.87 19.76
C TYR E 211 -23.94 6.94 19.04
N GLU E 212 -24.57 7.40 17.96
CA GLU E 212 -25.50 6.56 17.23
C GLU E 212 -24.78 5.56 16.33
N ASP E 213 -25.39 4.38 16.16
CA ASP E 213 -24.98 3.41 15.15
C ASP E 213 -26.17 2.63 14.58
N VAL E 214 -25.95 2.00 13.44
CA VAL E 214 -26.96 1.11 12.85
C VAL E 214 -26.48 -0.34 12.95
N GLU E 215 -27.38 -1.21 13.40
CA GLU E 215 -27.09 -2.63 13.51
C GLU E 215 -27.82 -3.34 12.38
N VAL E 216 -27.08 -4.06 11.54
CA VAL E 216 -27.71 -4.79 10.44
C VAL E 216 -27.60 -6.29 10.67
N SER E 217 -28.76 -6.93 10.84
CA SER E 217 -28.80 -8.36 11.11
C SER E 217 -28.97 -9.16 9.82
N LEU E 218 -28.02 -10.04 9.56
CA LEU E 218 -28.03 -10.82 8.34
C LEU E 218 -28.31 -12.27 8.67
N ASN E 219 -29.49 -12.77 8.28
CA ASN E 219 -29.84 -14.17 8.49
C ASN E 219 -29.56 -14.99 7.22
N PHE E 220 -28.62 -15.93 7.31
CA PHE E 220 -28.17 -16.67 6.11
C PHE E 220 -27.83 -18.12 6.46
N ARG E 221 -27.81 -19.00 5.46
CA ARG E 221 -27.37 -20.40 5.67
C ARG E 221 -26.69 -20.97 4.45
N LYS E 222 -26.08 -22.14 4.63
CA LYS E 222 -25.46 -22.88 3.54
C LYS E 222 -26.53 -23.54 2.69
N LYS E 223 -26.32 -23.53 1.37
CA LYS E 223 -27.25 -24.14 0.41
C LYS E 223 -27.27 -25.68 0.49
C1 09P F . 13.99 2.03 20.71
N1 09P F . 13.45 3.06 21.65
C2 09P F . 14.19 3.38 22.90
C3 09P F . 15.44 4.24 22.63
C4 09P F . 16.42 3.57 21.67
N2 09P F . 15.90 3.71 20.30
C5 09P F . 15.21 2.46 19.87
C6 09P F . 16.91 6.84 17.71
C7 09P F . 17.52 6.79 18.98
C8 09P F . 17.17 5.73 19.86
C9 09P F . 16.23 4.74 19.47
C10 09P F . 15.70 4.92 18.16
N3 09P F . 16.02 5.92 17.31
O1 09P F . 18.39 7.82 19.30
C11 09P F . 17.90 8.69 20.32
C12 09P F . 19.04 9.01 21.28
C1 09P G . 24.09 -3.40 -6.22
N1 09P G . 25.05 -2.59 -5.41
C2 09P G . 26.49 -2.67 -5.75
C3 09P G . 26.83 -1.88 -7.04
C4 09P G . 25.97 -2.27 -8.25
N2 09P G . 24.60 -1.76 -8.10
C5 09P G . 23.67 -2.78 -7.57
C6 09P G . 23.19 1.50 -10.21
C7 09P G . 24.60 1.30 -10.23
C8 09P G . 25.08 0.17 -9.49
C9 09P G . 24.17 -0.67 -8.79
C10 09P G . 22.79 -0.32 -8.87
N3 09P G . 22.30 0.73 -9.56
O1 09P G . 25.38 2.20 -10.95
C11 09P G . 26.78 1.99 -11.14
C12 09P G . 27.02 1.72 -12.63
C1 09P H . 1.54 -4.46 -24.88
N1 09P H . 2.61 -3.87 -25.70
C2 09P H . 2.44 -3.79 -27.16
C3 09P H . 1.30 -2.82 -27.51
C4 09P H . -0.01 -3.27 -26.86
N2 09P H . -0.13 -2.67 -25.53
C5 09P H . 0.47 -3.44 -24.42
C6 09P H . -1.70 1.06 -24.85
C7 09P H . -1.38 0.75 -26.18
C8 09P H . -0.82 -0.54 -26.43
C9 09P H . -0.64 -1.44 -25.34
C10 09P H . -1.00 -1.01 -24.04
N3 09P H . -1.53 0.21 -23.81
O1 09P H . -1.60 1.70 -27.15
C11 09P H . -1.15 1.48 -28.48
C12 09P H . -2.12 2.20 -29.42
C1 09P I . -23.33 0.54 -8.98
N1 09P I . -23.56 1.10 -10.34
C2 09P I . -24.97 1.26 -10.75
C3 09P I . -25.68 2.35 -9.91
C4 09P I . -25.60 2.21 -8.39
N2 09P I . -24.29 2.67 -7.90
C5 09P I . -23.27 1.59 -7.86
C6 09P I . -23.47 6.53 -6.49
C7 09P I . -24.72 6.30 -7.09
C8 09P I . -24.99 4.99 -7.57
C9 09P I . -24.04 3.95 -7.44
C10 09P I . -22.82 4.34 -6.81
N3 09P I . -22.54 5.59 -6.35
O1 09P I . -25.59 7.38 -7.18
C11 09P I . -26.75 7.32 -8.02
C12 09P I . -27.92 7.90 -7.22
C1 NAG J . -1.53 23.29 -38.87
C2 NAG J . -2.62 24.35 -39.09
C3 NAG J . -2.51 24.66 -40.57
C4 NAG J . -1.15 25.23 -40.94
C5 NAG J . 0.05 24.34 -40.55
C6 NAG J . 1.37 25.16 -40.60
C7 NAG J . -4.96 24.25 -37.99
C8 NAG J . -4.66 25.24 -36.90
N2 NAG J . -3.99 23.91 -38.89
O3 NAG J . -3.46 25.65 -40.79
O4 NAG J . -1.12 25.72 -42.26
O5 NAG J . -0.21 23.69 -39.30
O6 NAG J . 2.50 24.83 -39.79
O7 NAG J . -6.09 23.77 -37.99
C1 09P K . -15.67 4.56 19.31
N1 09P K . -16.64 5.59 18.88
C2 09P K . -17.48 6.23 19.93
C3 09P K . -16.66 7.18 20.82
C4 09P K . -15.42 6.47 21.39
N2 09P K . -14.37 6.46 20.34
C5 09P K . -14.29 5.16 19.61
C6 09P K . -11.86 9.62 19.47
C7 09P K . -12.75 9.82 20.54
C8 09P K . -13.61 8.72 20.85
C9 09P K . -13.56 7.52 20.08
C10 09P K . -12.59 7.48 19.04
N3 09P K . -11.77 8.50 18.75
O1 09P K . -12.73 11.04 21.20
C11 09P K . -13.74 11.36 22.16
C12 09P K . -13.08 12.12 23.32
#